data_7LTL
#
_entry.id   7LTL
#
_cell.length_a   92.350
_cell.length_b   98.760
_cell.length_c   139.440
_cell.angle_alpha   90.000
_cell.angle_beta   90.000
_cell.angle_gamma   90.000
#
_symmetry.space_group_name_H-M   'P 21 21 21'
#
loop_
_entity.id
_entity.type
_entity.pdbx_description
1 polymer 'Histone deacetylase 2'
2 non-polymer 'ZINC ION'
3 non-polymer 'SULFATE ION'
4 non-polymer 'CALCIUM ION'
5 non-polymer 'ACETATE ION'
6 non-polymer DI(HYDROXYETHYL)ETHER
7 non-polymer (2R)-2-(5-hydroxy-2-methyl-1H-indol-3-yl)-N-{(1S)-1-[5-(2-methoxyquinolin-3-yl)-1H-imidazol-2-yl]pentyl}propanamide
8 water water
#
_entity_poly.entity_id   1
_entity_poly.type   'polypeptide(L)'
_entity_poly.pdbx_seq_one_letter_code
;MAYSQGGGKKKVCYYYDGDIGNYYYGQGHPMKPHRIRMTHNLLLNYGLYRKMEIYRPHKATAEEMTKYHSDEYIKFLRSI
RPDNMSEYSKQMQRFNVGEDCPVFDGLFEFCQLSTGGSVAGAVKLNRQQTDMAVNWAGGLHHAKKSEASGFCYVNDIVLA
ILELLKYHQRVLYIDIDIHHGDGVEEAFYTTDRVMTVSFHKYGEYFPGTGDLRDIGAGKGKYYAVNFPMRDGIDDESYGQ
IFKPIISKVMEMYQPSAVVLQCGADSLSGDRLGCFNLTVKGHAKCVEVVKTFNLPLLMLGGGGYTIRNVARCWTYETAVA
LDCEIPNELPYNDYFEYFGPDFKLHISPSNMTNQNTPEYMEKIKQRLFENLRMLPH
;
_entity_poly.pdbx_strand_id   A,B,C
#
loop_
_chem_comp.id
_chem_comp.type
_chem_comp.name
_chem_comp.formula
ACT non-polymer 'ACETATE ION' 'C2 H3 O2 -1'
CA non-polymer 'CALCIUM ION' 'Ca 2'
PEG non-polymer DI(HYDROXYETHYL)ETHER 'C4 H10 O3'
SO4 non-polymer 'SULFATE ION' 'O4 S -2'
YEV non-polymer (2R)-2-(5-hydroxy-2-methyl-1H-indol-3-yl)-N-{(1S)-1-[5-(2-methoxyquinolin-3-yl)-1H-imidazol-2-yl]pentyl}propanamide 'C30 H33 N5 O3'
ZN non-polymer 'ZINC ION' 'Zn 2'
#
# COMPACT_ATOMS: atom_id res chain seq x y z
N GLY A 8 1.18 -28.55 25.46
CA GLY A 8 1.83 -28.61 26.78
C GLY A 8 3.27 -28.05 26.74
N LYS A 9 4.01 -28.22 27.87
CA LYS A 9 5.42 -27.80 27.99
C LYS A 9 6.24 -28.72 27.11
N LYS A 10 7.33 -28.21 26.52
CA LYS A 10 8.10 -29.05 25.62
C LYS A 10 9.53 -29.34 26.08
N LYS A 11 10.07 -30.51 25.64
CA LYS A 11 11.44 -30.93 25.95
C LYS A 11 12.39 -30.08 25.07
N VAL A 12 13.43 -29.50 25.69
CA VAL A 12 14.41 -28.65 25.01
C VAL A 12 15.84 -29.17 25.14
N CYS A 13 16.54 -29.33 23.99
CA CYS A 13 17.95 -29.74 23.93
C CYS A 13 18.72 -28.54 23.42
N TYR A 14 19.79 -28.21 24.11
CA TYR A 14 20.59 -27.01 23.83
C TYR A 14 22.03 -27.38 23.51
N TYR A 15 22.58 -26.78 22.42
CA TYR A 15 23.91 -27.10 21.93
C TYR A 15 24.86 -25.97 22.14
N TYR A 16 26.00 -26.27 22.75
CA TYR A 16 26.96 -25.22 23.03
C TYR A 16 28.35 -25.77 23.24
N ASP A 17 29.35 -25.10 22.66
CA ASP A 17 30.75 -25.47 22.88
C ASP A 17 31.40 -24.30 23.62
N GLY A 18 32.01 -24.59 24.78
CA GLY A 18 32.67 -23.61 25.62
C GLY A 18 33.79 -22.82 24.97
N ASP A 19 34.30 -23.29 23.82
CA ASP A 19 35.37 -22.61 23.11
C ASP A 19 34.82 -21.60 22.10
N ILE A 20 33.50 -21.67 21.78
CA ILE A 20 32.93 -20.80 20.74
C ILE A 20 33.22 -19.30 20.95
N GLY A 21 33.19 -18.85 22.19
CA GLY A 21 33.39 -17.44 22.52
C GLY A 21 34.80 -16.93 22.24
N ASN A 22 35.77 -17.84 22.02
CA ASN A 22 37.18 -17.44 21.78
C ASN A 22 37.51 -17.12 20.35
N TYR A 23 36.62 -17.45 19.40
CA TYR A 23 36.86 -17.16 17.97
C TYR A 23 36.70 -15.68 17.76
N TYR A 24 37.66 -15.07 17.06
CA TYR A 24 37.71 -13.62 16.89
C TYR A 24 37.84 -13.23 15.45
N TYR A 25 36.87 -12.45 14.96
CA TYR A 25 36.89 -12.04 13.56
C TYR A 25 37.94 -10.97 13.27
N GLY A 26 38.42 -10.29 14.30
CA GLY A 26 39.44 -9.24 14.11
C GLY A 26 39.00 -7.91 14.67
N GLN A 27 39.98 -7.01 14.89
CA GLN A 27 39.73 -5.67 15.44
C GLN A 27 38.70 -4.89 14.60
N GLY A 28 37.66 -4.39 15.28
CA GLY A 28 36.62 -3.61 14.64
C GLY A 28 35.54 -4.40 13.91
N HIS A 29 35.72 -5.73 13.76
CA HIS A 29 34.68 -6.50 13.06
C HIS A 29 33.44 -6.64 13.96
N PRO A 30 32.25 -6.31 13.45
CA PRO A 30 31.04 -6.36 14.30
C PRO A 30 30.60 -7.76 14.75
N MET A 31 31.01 -8.83 14.04
CA MET A 31 30.60 -10.19 14.43
C MET A 31 31.46 -10.64 15.59
N LYS A 32 30.81 -10.91 16.74
CA LYS A 32 31.52 -11.26 17.96
C LYS A 32 31.03 -12.56 18.58
N PRO A 33 31.69 -13.69 18.27
CA PRO A 33 31.26 -14.98 18.84
C PRO A 33 31.13 -15.00 20.38
N HIS A 34 31.82 -14.06 21.06
CA HIS A 34 31.77 -13.89 22.50
C HIS A 34 30.31 -13.72 22.98
N ARG A 35 29.43 -13.13 22.12
CA ARG A 35 28.03 -12.97 22.47
C ARG A 35 27.29 -14.30 22.78
N ILE A 36 27.78 -15.42 22.18
N ILE A 36 27.76 -15.41 22.18
CA ILE A 36 27.25 -16.77 22.38
CA ILE A 36 27.15 -16.72 22.43
C ILE A 36 27.62 -17.21 23.82
C ILE A 36 27.58 -17.16 23.86
N ARG A 37 28.84 -16.90 24.24
CA ARG A 37 29.30 -17.23 25.61
C ARG A 37 28.53 -16.32 26.63
N MET A 38 28.29 -15.01 26.28
CA MET A 38 27.53 -14.14 27.19
C MET A 38 26.10 -14.69 27.38
N THR A 39 25.47 -15.14 26.28
CA THR A 39 24.14 -15.73 26.32
C THR A 39 24.12 -16.96 27.25
N HIS A 40 25.08 -17.88 27.04
CA HIS A 40 25.19 -19.08 27.83
C HIS A 40 25.36 -18.76 29.32
N ASN A 41 26.26 -17.80 29.62
CA ASN A 41 26.52 -17.48 31.04
C ASN A 41 25.30 -16.82 31.69
N LEU A 42 24.55 -16.02 30.91
CA LEU A 42 23.37 -15.37 31.47
C LEU A 42 22.28 -16.44 31.72
N LEU A 43 22.06 -17.34 30.75
CA LEU A 43 21.01 -18.34 30.92
C LEU A 43 21.40 -19.35 32.06
N LEU A 44 22.73 -19.60 32.25
CA LEU A 44 23.19 -20.44 33.36
C LEU A 44 22.84 -19.77 34.70
N ASN A 45 23.13 -18.46 34.82
CA ASN A 45 22.89 -17.68 36.03
C ASN A 45 21.39 -17.47 36.33
N TYR A 46 20.52 -17.63 35.31
CA TYR A 46 19.08 -17.55 35.56
C TYR A 46 18.57 -18.94 36.00
N GLY A 47 19.43 -19.96 35.92
CA GLY A 47 19.08 -21.33 36.32
C GLY A 47 18.38 -22.13 35.24
N LEU A 48 18.45 -21.66 33.96
CA LEU A 48 17.77 -22.35 32.86
C LEU A 48 18.42 -23.70 32.45
N TYR A 49 19.62 -24.02 33.00
CA TYR A 49 20.32 -25.30 32.75
C TYR A 49 19.59 -26.49 33.41
N ARG A 50 18.92 -26.26 34.54
CA ARG A 50 18.18 -27.31 35.28
C ARG A 50 16.96 -27.78 34.50
N LYS A 51 16.57 -27.01 33.48
CA LYS A 51 15.40 -27.29 32.68
C LYS A 51 15.72 -27.89 31.30
N MET A 52 17.00 -27.90 30.85
CA MET A 52 17.39 -28.42 29.51
C MET A 52 18.41 -29.50 29.51
N GLU A 53 18.49 -30.25 28.40
CA GLU A 53 19.51 -31.24 28.17
C GLU A 53 20.56 -30.45 27.39
N ILE A 54 21.73 -30.31 27.98
CA ILE A 54 22.82 -29.55 27.40
C ILE A 54 23.79 -30.49 26.72
N TYR A 55 24.13 -30.20 25.47
CA TYR A 55 25.04 -31.01 24.66
C TYR A 55 26.15 -30.17 24.06
N ARG A 56 27.33 -30.78 23.87
CA ARG A 56 28.46 -30.14 23.23
C ARG A 56 28.47 -30.70 21.83
N PRO A 57 28.27 -29.87 20.80
CA PRO A 57 28.22 -30.42 19.43
C PRO A 57 29.56 -30.99 18.96
N HIS A 58 29.52 -31.98 18.07
CA HIS A 58 30.75 -32.50 17.52
C HIS A 58 31.26 -31.46 16.47
N LYS A 59 32.53 -31.56 16.06
CA LYS A 59 33.06 -30.68 15.01
C LYS A 59 32.59 -31.31 13.68
N ALA A 60 31.63 -30.63 12.98
CA ALA A 60 31.13 -31.17 11.70
C ALA A 60 32.29 -31.39 10.75
N THR A 61 32.30 -32.51 10.04
CA THR A 61 33.41 -32.81 9.12
C THR A 61 33.24 -32.09 7.78
N ALA A 62 34.35 -31.97 7.02
CA ALA A 62 34.30 -31.38 5.67
C ALA A 62 33.29 -32.17 4.83
N GLU A 63 33.24 -33.52 5.01
CA GLU A 63 32.28 -34.37 4.30
C GLU A 63 30.84 -33.98 4.60
N GLU A 64 30.51 -33.71 5.88
CA GLU A 64 29.15 -33.30 6.26
C GLU A 64 28.84 -31.97 5.56
N MET A 65 29.81 -31.05 5.52
CA MET A 65 29.61 -29.73 4.90
C MET A 65 29.41 -29.82 3.39
N THR A 66 30.07 -30.80 2.73
CA THR A 66 29.92 -30.93 1.27
C THR A 66 28.60 -31.58 0.85
N LYS A 67 27.66 -31.83 1.82
CA LYS A 67 26.33 -32.30 1.46
C LYS A 67 25.64 -31.11 0.78
N TYR A 68 26.16 -29.89 1.02
CA TYR A 68 25.64 -28.70 0.34
C TYR A 68 26.74 -27.95 -0.40
N HIS A 69 27.79 -27.52 0.32
CA HIS A 69 28.86 -26.74 -0.25
C HIS A 69 29.74 -27.47 -1.25
N SER A 70 30.38 -26.72 -2.16
CA SER A 70 31.26 -27.35 -3.14
C SER A 70 32.53 -27.90 -2.46
N ASP A 71 33.08 -28.99 -3.01
CA ASP A 71 34.30 -29.60 -2.47
C ASP A 71 35.44 -28.60 -2.47
N GLU A 72 35.57 -27.80 -3.54
CA GLU A 72 36.64 -26.82 -3.65
C GLU A 72 36.53 -25.73 -2.58
N TYR A 73 35.28 -25.27 -2.30
CA TYR A 73 35.11 -24.22 -1.32
C TYR A 73 35.43 -24.73 0.10
N ILE A 74 34.95 -25.94 0.45
CA ILE A 74 35.23 -26.52 1.76
C ILE A 74 36.71 -26.80 1.92
N LYS A 75 37.39 -27.28 0.84
CA LYS A 75 38.82 -27.54 0.89
C LYS A 75 39.57 -26.24 1.17
N PHE A 76 39.15 -25.12 0.54
CA PHE A 76 39.77 -23.81 0.76
C PHE A 76 39.57 -23.38 2.22
N LEU A 77 38.34 -23.50 2.76
CA LEU A 77 38.09 -23.11 4.14
C LEU A 77 38.94 -23.90 5.16
N ARG A 78 39.13 -25.19 4.89
CA ARG A 78 39.92 -26.09 5.75
C ARG A 78 41.43 -25.81 5.64
N SER A 79 41.86 -25.09 4.57
CA SER A 79 43.27 -24.80 4.27
C SER A 79 43.79 -23.40 4.62
N ILE A 80 42.97 -22.36 4.40
CA ILE A 80 43.32 -20.95 4.58
C ILE A 80 43.56 -20.59 6.04
N ARG A 81 44.65 -19.85 6.29
CA ARG A 81 45.03 -19.40 7.62
C ARG A 81 45.65 -18.02 7.48
N PRO A 82 45.65 -17.18 8.55
CA PRO A 82 46.29 -15.86 8.44
C PRO A 82 47.76 -15.92 7.97
N ASP A 83 48.50 -17.01 8.32
CA ASP A 83 49.92 -17.21 7.97
C ASP A 83 50.19 -17.70 6.54
N ASN A 84 49.17 -18.18 5.81
CA ASN A 84 49.36 -18.66 4.44
C ASN A 84 48.47 -17.93 3.44
N MET A 85 47.71 -16.92 3.91
CA MET A 85 46.78 -16.08 3.13
C MET A 85 47.38 -15.59 1.81
N SER A 86 48.68 -15.15 1.86
CA SER A 86 49.43 -14.62 0.72
C SER A 86 49.47 -15.55 -0.49
N GLU A 87 49.42 -16.87 -0.25
CA GLU A 87 49.45 -17.92 -1.27
C GLU A 87 48.07 -18.23 -1.87
N TYR A 88 47.00 -17.70 -1.25
CA TYR A 88 45.61 -17.96 -1.67
C TYR A 88 44.85 -16.75 -2.23
N SER A 89 45.60 -15.71 -2.67
CA SER A 89 45.06 -14.46 -3.22
C SER A 89 43.95 -14.69 -4.26
N LYS A 90 44.15 -15.67 -5.15
CA LYS A 90 43.20 -16.04 -6.21
C LYS A 90 41.91 -16.63 -5.63
N GLN A 91 42.05 -17.67 -4.78
CA GLN A 91 40.94 -18.37 -4.14
C GLN A 91 40.13 -17.45 -3.21
N MET A 92 40.79 -16.51 -2.52
CA MET A 92 40.11 -15.57 -1.62
C MET A 92 39.07 -14.72 -2.37
N GLN A 93 39.42 -14.30 -3.58
CA GLN A 93 38.50 -13.52 -4.41
C GLN A 93 37.38 -14.41 -4.92
N ARG A 94 37.70 -15.62 -5.42
CA ARG A 94 36.74 -16.58 -5.93
C ARG A 94 35.69 -16.94 -4.88
N PHE A 95 36.13 -17.18 -3.62
CA PHE A 95 35.23 -17.62 -2.53
C PHE A 95 34.73 -16.49 -1.62
N ASN A 96 35.01 -15.24 -1.98
CA ASN A 96 34.59 -14.02 -1.28
C ASN A 96 35.06 -13.98 0.19
N VAL A 97 36.32 -14.35 0.43
CA VAL A 97 36.88 -14.33 1.78
C VAL A 97 37.95 -13.21 1.82
N GLY A 98 37.85 -12.31 2.80
CA GLY A 98 38.81 -11.21 2.98
C GLY A 98 38.28 -9.80 3.18
N GLU A 99 36.96 -9.61 3.26
CA GLU A 99 36.36 -8.29 3.49
C GLU A 99 35.39 -8.45 4.66
N ASP A 100 34.09 -8.61 4.38
CA ASP A 100 33.08 -8.84 5.39
C ASP A 100 33.38 -10.17 6.07
N CYS A 101 33.98 -11.11 5.34
CA CYS A 101 34.28 -12.47 5.78
C CYS A 101 35.78 -12.66 5.86
N PRO A 102 36.43 -12.17 6.94
CA PRO A 102 37.88 -12.27 7.01
C PRO A 102 38.42 -13.67 7.29
N VAL A 103 39.73 -13.82 7.05
CA VAL A 103 40.44 -15.05 7.38
C VAL A 103 40.84 -14.78 8.84
N PHE A 104 40.53 -15.72 9.75
CA PHE A 104 40.92 -15.55 11.15
C PHE A 104 41.38 -16.86 11.72
N ASP A 105 42.17 -16.81 12.81
CA ASP A 105 42.66 -18.04 13.44
C ASP A 105 41.49 -18.92 13.87
N GLY A 106 41.49 -20.17 13.43
CA GLY A 106 40.47 -21.16 13.78
C GLY A 106 39.16 -21.03 13.03
N LEU A 107 39.20 -20.32 11.89
CA LEU A 107 38.01 -20.10 11.07
C LEU A 107 37.25 -21.42 10.82
N PHE A 108 37.97 -22.44 10.35
CA PHE A 108 37.34 -23.72 10.04
C PHE A 108 36.72 -24.36 11.26
N GLU A 109 37.46 -24.39 12.40
CA GLU A 109 36.91 -24.96 13.65
C GLU A 109 35.61 -24.24 14.07
N PHE A 110 35.58 -22.90 13.91
CA PHE A 110 34.40 -22.12 14.23
C PHE A 110 33.20 -22.60 13.37
N CYS A 111 33.46 -22.80 12.06
CA CYS A 111 32.41 -23.31 11.15
C CYS A 111 31.97 -24.71 11.57
N GLN A 112 32.94 -25.55 11.96
CA GLN A 112 32.63 -26.92 12.40
C GLN A 112 31.72 -26.96 13.61
N LEU A 113 31.93 -26.04 14.57
CA LEU A 113 31.13 -26.00 15.79
C LEU A 113 29.74 -25.40 15.55
N SER A 114 29.70 -24.33 14.72
CA SER A 114 28.43 -23.68 14.39
C SER A 114 27.56 -24.70 13.68
N THR A 115 28.14 -25.42 12.67
CA THR A 115 27.41 -26.42 11.89
C THR A 115 27.08 -27.66 12.72
N GLY A 116 28.03 -28.10 13.55
CA GLY A 116 27.82 -29.30 14.36
C GLY A 116 26.57 -29.18 15.24
N GLY A 117 26.36 -28.01 15.84
CA GLY A 117 25.20 -27.79 16.69
C GLY A 117 23.88 -27.89 15.91
N SER A 118 23.85 -27.31 14.70
CA SER A 118 22.61 -27.34 13.92
C SER A 118 22.24 -28.71 13.41
N VAL A 119 23.23 -29.42 12.88
N VAL A 119 23.23 -29.43 12.86
CA VAL A 119 23.06 -30.78 12.35
CA VAL A 119 23.01 -30.78 12.34
C VAL A 119 22.69 -31.72 13.50
C VAL A 119 22.70 -31.75 13.50
N ALA A 120 23.39 -31.60 14.66
CA ALA A 120 23.14 -32.46 15.84
C ALA A 120 21.70 -32.22 16.34
N GLY A 121 21.26 -30.97 16.32
CA GLY A 121 19.91 -30.62 16.73
C GLY A 121 18.89 -31.25 15.79
N ALA A 122 19.18 -31.20 14.47
CA ALA A 122 18.27 -31.81 13.49
C ALA A 122 18.20 -33.35 13.69
N VAL A 123 19.34 -34.00 13.95
CA VAL A 123 19.37 -35.46 14.19
C VAL A 123 18.46 -35.78 15.42
N LYS A 124 18.61 -35.01 16.51
CA LYS A 124 17.83 -35.21 17.75
C LYS A 124 16.31 -35.07 17.48
N LEU A 125 15.92 -34.11 16.61
CA LEU A 125 14.53 -33.93 16.24
C LEU A 125 14.07 -35.11 15.38
N ASN A 126 14.89 -35.55 14.40
CA ASN A 126 14.58 -36.70 13.52
C ASN A 126 14.32 -37.97 14.34
N ARG A 127 15.09 -38.13 15.41
CA ARG A 127 14.97 -39.30 16.28
C ARG A 127 13.79 -39.20 17.24
N GLN A 128 13.03 -38.06 17.22
CA GLN A 128 11.90 -37.79 18.10
C GLN A 128 12.31 -37.83 19.57
N GLN A 129 13.54 -37.36 19.85
CA GLN A 129 14.10 -37.35 21.20
C GLN A 129 13.98 -35.98 21.87
N THR A 130 13.46 -34.99 21.14
CA THR A 130 13.24 -33.66 21.68
C THR A 130 12.11 -32.99 20.91
N ASP A 131 11.50 -31.97 21.54
CA ASP A 131 10.47 -31.19 20.91
C ASP A 131 11.15 -29.96 20.26
N MET A 132 12.18 -29.43 20.95
CA MET A 132 12.93 -28.28 20.46
C MET A 132 14.42 -28.51 20.60
N ALA A 133 15.21 -28.00 19.64
CA ALA A 133 16.67 -28.08 19.71
C ALA A 133 17.12 -26.64 19.49
N VAL A 134 18.11 -26.17 20.28
CA VAL A 134 18.56 -24.78 20.22
C VAL A 134 20.07 -24.74 19.94
N ASN A 135 20.47 -23.91 18.96
CA ASN A 135 21.88 -23.75 18.66
C ASN A 135 22.12 -22.26 18.39
N TRP A 136 22.46 -21.51 19.44
CA TRP A 136 22.63 -20.07 19.27
C TRP A 136 23.86 -19.72 18.41
N ALA A 137 24.81 -20.65 18.22
CA ALA A 137 25.99 -20.40 17.39
C ALA A 137 25.69 -20.61 15.90
N GLY A 138 24.49 -21.11 15.57
CA GLY A 138 24.12 -21.35 14.18
C GLY A 138 23.30 -20.20 13.60
N GLY A 139 22.60 -20.46 12.50
CA GLY A 139 21.78 -19.46 11.83
C GLY A 139 22.52 -18.55 10.88
N LEU A 140 23.67 -19.02 10.35
CA LEU A 140 24.51 -18.19 9.46
C LEU A 140 23.99 -18.33 8.02
N HIS A 141 22.84 -17.67 7.83
CA HIS A 141 22.00 -17.80 6.64
C HIS A 141 22.53 -17.23 5.32
N HIS A 142 23.63 -16.43 5.32
CA HIS A 142 24.14 -15.82 4.08
C HIS A 142 25.11 -16.69 3.27
N ALA A 143 25.69 -17.72 3.91
CA ALA A 143 26.66 -18.53 3.19
C ALA A 143 26.05 -19.22 1.99
N LYS A 144 26.80 -19.24 0.87
CA LYS A 144 26.35 -19.83 -0.38
C LYS A 144 27.08 -21.11 -0.67
N LYS A 145 26.62 -21.82 -1.72
CA LYS A 145 27.20 -23.10 -2.09
C LYS A 145 28.74 -23.05 -2.21
N SER A 146 29.27 -22.03 -2.91
CA SER A 146 30.73 -21.92 -3.10
C SER A 146 31.26 -20.52 -2.77
N GLU A 147 30.65 -19.86 -1.79
CA GLU A 147 31.06 -18.51 -1.43
C GLU A 147 30.64 -18.13 -0.01
N ALA A 148 31.53 -17.42 0.70
CA ALA A 148 31.20 -16.88 2.03
C ALA A 148 30.43 -15.60 1.71
N SER A 149 29.64 -15.14 2.67
CA SER A 149 28.91 -13.89 2.51
C SER A 149 28.39 -13.43 3.86
N GLY A 150 28.38 -12.11 4.07
CA GLY A 150 27.77 -11.48 5.24
C GLY A 150 28.10 -12.10 6.59
N PHE A 151 29.38 -12.32 6.77
CA PHE A 151 30.01 -12.84 8.00
C PHE A 151 29.78 -14.33 8.17
N CYS A 152 29.15 -14.99 7.19
CA CYS A 152 28.83 -16.44 7.19
C CYS A 152 29.71 -17.19 6.22
N TYR A 153 30.20 -18.36 6.62
CA TYR A 153 31.06 -19.17 5.73
C TYR A 153 30.43 -20.49 5.35
N VAL A 154 29.86 -21.20 6.34
CA VAL A 154 29.21 -22.48 6.10
C VAL A 154 27.75 -22.32 6.48
N ASN A 155 26.83 -22.71 5.55
CA ASN A 155 25.42 -22.54 5.82
C ASN A 155 24.88 -23.70 6.66
N ASP A 156 25.03 -23.57 7.98
CA ASP A 156 24.57 -24.58 8.93
C ASP A 156 23.07 -24.85 8.82
N ILE A 157 22.30 -23.81 8.43
CA ILE A 157 20.85 -23.97 8.28
C ILE A 157 20.52 -24.91 7.14
N VAL A 158 21.14 -24.68 5.95
CA VAL A 158 20.85 -25.55 4.81
C VAL A 158 21.21 -26.98 5.18
N LEU A 159 22.38 -27.16 5.83
CA LEU A 159 22.81 -28.51 6.22
C LEU A 159 21.86 -29.15 7.20
N ALA A 160 21.34 -28.37 8.17
CA ALA A 160 20.37 -28.88 9.15
C ALA A 160 19.04 -29.24 8.44
N ILE A 161 18.61 -28.41 7.45
CA ILE A 161 17.37 -28.69 6.73
C ILE A 161 17.52 -29.97 5.91
N LEU A 162 18.66 -30.15 5.21
CA LEU A 162 18.91 -31.39 4.46
C LEU A 162 18.80 -32.58 5.43
N GLU A 163 19.29 -32.42 6.67
CA GLU A 163 19.16 -33.52 7.65
C GLU A 163 17.68 -33.76 7.97
N LEU A 164 16.89 -32.71 8.24
CA LEU A 164 15.47 -32.86 8.54
C LEU A 164 14.72 -33.50 7.36
N LEU A 165 15.10 -33.14 6.11
CA LEU A 165 14.46 -33.71 4.90
C LEU A 165 14.59 -35.25 4.79
N LYS A 166 15.51 -35.87 5.57
CA LYS A 166 15.65 -37.34 5.55
C LYS A 166 14.38 -37.99 6.17
N TYR A 167 13.69 -37.30 7.09
CA TYR A 167 12.50 -37.82 7.78
C TYR A 167 11.25 -36.95 7.67
N HIS A 168 11.38 -35.73 7.10
CA HIS A 168 10.26 -34.80 6.97
C HIS A 168 10.00 -34.45 5.54
N GLN A 169 8.76 -34.66 5.06
CA GLN A 169 8.41 -34.36 3.68
C GLN A 169 8.50 -32.87 3.37
N ARG A 170 7.97 -32.05 4.30
CA ARG A 170 7.95 -30.60 4.15
C ARG A 170 8.55 -29.94 5.36
N VAL A 171 9.50 -29.01 5.11
CA VAL A 171 10.14 -28.29 6.21
C VAL A 171 9.88 -26.82 6.01
N LEU A 172 9.48 -26.12 7.09
CA LEU A 172 9.24 -24.68 7.00
C LEU A 172 10.44 -23.97 7.66
N TYR A 173 10.97 -22.98 6.96
CA TYR A 173 12.08 -22.19 7.46
C TYR A 173 11.55 -20.75 7.64
N ILE A 174 11.73 -20.18 8.85
CA ILE A 174 11.29 -18.81 9.15
C ILE A 174 12.50 -18.03 9.62
N ASP A 175 12.68 -16.80 9.08
CA ASP A 175 13.90 -16.04 9.36
C ASP A 175 13.52 -14.63 9.78
N ILE A 176 13.78 -14.26 11.05
CA ILE A 176 13.44 -12.95 11.63
C ILE A 176 14.69 -12.05 11.81
N ASP A 177 15.84 -12.47 11.26
CA ASP A 177 17.04 -11.65 11.20
C ASP A 177 16.67 -10.38 10.38
N ILE A 178 17.35 -9.24 10.63
CA ILE A 178 17.00 -8.05 9.85
C ILE A 178 17.35 -8.20 8.36
N HIS A 179 18.32 -9.09 8.03
CA HIS A 179 18.79 -9.30 6.65
C HIS A 179 18.06 -10.45 5.99
N HIS A 180 17.83 -10.31 4.67
CA HIS A 180 17.16 -11.35 3.91
C HIS A 180 17.90 -12.69 4.06
N GLY A 181 17.16 -13.76 4.32
CA GLY A 181 17.80 -15.09 4.40
C GLY A 181 18.09 -15.64 3.01
N ASP A 182 19.01 -14.98 2.28
CA ASP A 182 19.31 -15.31 0.88
C ASP A 182 19.96 -16.66 0.65
N GLY A 183 20.92 -17.08 1.48
CA GLY A 183 21.57 -18.36 1.22
C GLY A 183 20.62 -19.54 1.34
N VAL A 184 19.75 -19.49 2.35
CA VAL A 184 18.76 -20.55 2.56
C VAL A 184 17.73 -20.52 1.41
N GLU A 185 17.21 -19.32 1.10
CA GLU A 185 16.20 -19.22 0.03
C GLU A 185 16.78 -19.76 -1.28
N GLU A 186 18.01 -19.37 -1.62
CA GLU A 186 18.66 -19.80 -2.86
C GLU A 186 18.82 -21.32 -2.90
N ALA A 187 19.25 -21.93 -1.77
CA ALA A 187 19.45 -23.38 -1.76
C ALA A 187 18.21 -24.18 -2.12
N PHE A 188 17.02 -23.72 -1.67
CA PHE A 188 15.76 -24.42 -1.87
C PHE A 188 14.78 -23.72 -2.84
N TYR A 189 15.30 -22.77 -3.63
CA TYR A 189 14.46 -21.96 -4.51
C TYR A 189 13.59 -22.73 -5.48
N THR A 190 14.06 -23.89 -5.97
CA THR A 190 13.30 -24.66 -6.98
C THR A 190 12.65 -25.93 -6.43
N THR A 191 12.53 -26.03 -5.10
CA THR A 191 11.86 -27.18 -4.50
C THR A 191 10.67 -26.75 -3.65
N ASP A 192 9.68 -27.63 -3.55
CA ASP A 192 8.49 -27.41 -2.74
C ASP A 192 8.61 -28.16 -1.38
N ARG A 193 9.77 -28.83 -1.17
CA ARG A 193 9.99 -29.59 0.06
C ARG A 193 10.44 -28.70 1.22
N VAL A 194 10.80 -27.45 0.90
CA VAL A 194 11.15 -26.47 1.91
C VAL A 194 10.43 -25.18 1.54
N MET A 195 9.73 -24.58 2.49
CA MET A 195 9.12 -23.26 2.28
C MET A 195 9.98 -22.29 3.10
N THR A 196 10.51 -21.23 2.45
CA THR A 196 11.34 -20.26 3.17
C THR A 196 10.56 -18.97 3.32
N VAL A 197 10.50 -18.43 4.55
CA VAL A 197 9.75 -17.20 4.88
C VAL A 197 10.69 -16.24 5.57
N SER A 198 10.99 -15.11 4.92
CA SER A 198 11.92 -14.13 5.48
C SER A 198 11.26 -12.75 5.63
N PHE A 199 11.45 -12.15 6.81
CA PHE A 199 10.96 -10.80 7.19
C PHE A 199 12.23 -10.01 7.32
N HIS A 200 12.41 -8.96 6.49
CA HIS A 200 13.70 -8.29 6.53
C HIS A 200 13.61 -6.87 6.02
N LYS A 201 14.62 -6.08 6.35
CA LYS A 201 14.74 -4.72 5.78
C LYS A 201 15.11 -4.88 4.31
N TYR A 202 14.41 -4.12 3.45
CA TYR A 202 14.66 -4.21 2.02
C TYR A 202 14.74 -2.78 1.48
N GLY A 203 15.80 -2.48 0.73
CA GLY A 203 16.05 -1.17 0.12
C GLY A 203 17.33 -0.56 0.62
N GLU A 204 18.33 -0.44 -0.27
CA GLU A 204 19.66 0.10 0.06
C GLU A 204 20.21 -0.61 1.30
N TYR A 205 20.15 -1.95 1.28
CA TYR A 205 20.60 -2.69 2.47
C TYR A 205 21.06 -4.07 2.07
N PHE A 206 22.04 -4.60 2.78
CA PHE A 206 22.57 -5.93 2.49
C PHE A 206 21.50 -7.04 2.72
N PRO A 207 21.45 -8.13 1.90
CA PRO A 207 22.28 -8.45 0.73
C PRO A 207 21.70 -7.92 -0.60
N GLY A 208 20.61 -7.14 -0.53
CA GLY A 208 19.98 -6.54 -1.72
C GLY A 208 18.91 -7.38 -2.39
N THR A 209 18.63 -8.55 -1.84
CA THR A 209 17.63 -9.49 -2.37
C THR A 209 16.43 -9.55 -1.41
N GLY A 210 15.43 -10.33 -1.75
CA GLY A 210 14.25 -10.49 -0.92
C GLY A 210 13.11 -9.55 -1.28
N ASP A 211 12.94 -9.29 -2.58
CA ASP A 211 11.81 -8.46 -3.01
C ASP A 211 10.54 -9.28 -2.76
N LEU A 212 9.37 -8.65 -2.50
CA LEU A 212 8.20 -9.52 -2.30
C LEU A 212 7.81 -10.27 -3.59
N ARG A 213 8.36 -9.83 -4.75
CA ARG A 213 8.10 -10.50 -6.02
C ARG A 213 8.97 -11.76 -6.23
N ASP A 214 9.94 -12.05 -5.32
CA ASP A 214 10.77 -13.26 -5.39
C ASP A 214 9.97 -14.32 -4.65
N ILE A 215 9.34 -15.21 -5.44
CA ILE A 215 8.42 -16.19 -4.88
C ILE A 215 8.81 -17.67 -5.16
N GLY A 216 9.99 -17.88 -5.72
CA GLY A 216 10.43 -19.23 -6.06
C GLY A 216 10.34 -19.46 -7.55
N ALA A 217 10.82 -20.62 -8.01
CA ALA A 217 10.80 -20.95 -9.45
C ALA A 217 10.63 -22.44 -9.65
N GLY A 218 10.07 -22.84 -10.81
CA GLY A 218 9.80 -24.24 -11.13
C GLY A 218 8.89 -24.87 -10.10
N LYS A 219 9.26 -26.08 -9.58
CA LYS A 219 8.45 -26.73 -8.53
C LYS A 219 8.38 -25.88 -7.23
N GLY A 220 9.36 -24.98 -7.07
CA GLY A 220 9.42 -24.08 -5.92
C GLY A 220 8.59 -22.82 -6.03
N LYS A 221 7.85 -22.62 -7.16
CA LYS A 221 7.06 -21.39 -7.29
C LYS A 221 5.97 -21.38 -6.22
N TYR A 222 5.90 -20.28 -5.44
CA TYR A 222 5.00 -20.03 -4.30
C TYR A 222 5.55 -20.60 -2.99
N TYR A 223 6.78 -21.14 -3.04
CA TYR A 223 7.38 -21.74 -1.83
C TYR A 223 8.49 -20.88 -1.23
N ALA A 224 8.62 -19.64 -1.71
CA ALA A 224 9.55 -18.69 -1.12
C ALA A 224 8.68 -17.46 -0.85
N VAL A 225 8.71 -16.96 0.39
CA VAL A 225 7.92 -15.84 0.86
C VAL A 225 8.84 -14.77 1.43
N ASN A 226 8.70 -13.53 0.94
CA ASN A 226 9.54 -12.42 1.39
C ASN A 226 8.65 -11.24 1.79
N PHE A 227 8.87 -10.71 3.01
CA PHE A 227 8.14 -9.57 3.54
C PHE A 227 9.14 -8.42 3.68
N PRO A 228 9.22 -7.56 2.64
CA PRO A 228 10.17 -6.43 2.68
C PRO A 228 9.67 -5.32 3.60
N MET A 229 10.55 -4.83 4.49
CA MET A 229 10.23 -3.80 5.48
C MET A 229 11.15 -2.59 5.38
N ARG A 230 10.69 -1.45 5.92
CA ARG A 230 11.48 -0.21 5.92
C ARG A 230 12.05 -0.03 7.31
N ASP A 231 12.85 1.03 7.50
CA ASP A 231 13.43 1.33 8.81
C ASP A 231 12.39 1.50 9.89
N GLY A 232 12.79 1.22 11.13
CA GLY A 232 12.01 1.48 12.31
C GLY A 232 10.83 0.64 12.68
N ILE A 233 10.73 -0.59 12.14
CA ILE A 233 9.59 -1.41 12.54
C ILE A 233 9.57 -1.64 14.06
N ASP A 234 8.41 -1.58 14.66
CA ASP A 234 8.24 -1.76 16.10
C ASP A 234 7.45 -3.02 16.43
N ASP A 235 7.32 -3.33 17.73
CA ASP A 235 6.60 -4.50 18.22
C ASP A 235 5.17 -4.55 17.69
N GLU A 236 4.48 -3.40 17.68
CA GLU A 236 3.10 -3.30 17.19
C GLU A 236 2.98 -3.72 15.74
N SER A 237 3.78 -3.12 14.86
CA SER A 237 3.77 -3.41 13.42
C SER A 237 4.14 -4.88 13.14
N TYR A 238 5.22 -5.35 13.78
CA TYR A 238 5.66 -6.73 13.55
C TYR A 238 4.56 -7.68 14.02
N GLY A 239 3.93 -7.32 15.13
CA GLY A 239 2.81 -8.04 15.72
C GLY A 239 1.53 -7.94 14.91
N GLN A 240 1.40 -6.98 13.97
CA GLN A 240 0.15 -6.95 13.18
C GLN A 240 0.24 -7.96 12.01
N ILE A 241 1.47 -8.44 11.71
CA ILE A 241 1.69 -9.27 10.54
C ILE A 241 2.29 -10.67 10.75
N PHE A 242 3.09 -10.88 11.79
CA PHE A 242 3.77 -12.16 11.95
C PHE A 242 2.83 -13.35 12.19
N LYS A 243 1.99 -13.28 13.23
CA LYS A 243 1.08 -14.40 13.50
C LYS A 243 0.13 -14.64 12.29
N PRO A 244 -0.54 -13.61 11.69
CA PRO A 244 -1.41 -13.91 10.53
C PRO A 244 -0.68 -14.60 9.37
N ILE A 245 0.57 -14.16 9.05
CA ILE A 245 1.31 -14.81 7.96
C ILE A 245 1.72 -16.23 8.31
N ILE A 246 2.31 -16.43 9.50
CA ILE A 246 2.74 -17.78 9.90
C ILE A 246 1.53 -18.71 10.01
N SER A 247 0.38 -18.22 10.54
CA SER A 247 -0.83 -19.05 10.61
C SER A 247 -1.28 -19.51 9.22
N LYS A 248 -1.27 -18.59 8.25
CA LYS A 248 -1.66 -18.94 6.87
C LYS A 248 -0.67 -19.91 6.23
N VAL A 249 0.64 -19.70 6.49
CA VAL A 249 1.64 -20.61 5.96
C VAL A 249 1.42 -22.01 6.57
N MET A 250 1.20 -22.08 7.90
CA MET A 250 1.00 -23.37 8.57
C MET A 250 -0.22 -24.11 7.97
N GLU A 251 -1.29 -23.34 7.76
CA GLU A 251 -2.55 -23.89 7.21
C GLU A 251 -2.37 -24.44 5.81
N MET A 252 -1.74 -23.65 4.93
CA MET A 252 -1.54 -24.03 3.53
C MET A 252 -0.47 -25.06 3.29
N TYR A 253 0.70 -24.89 3.94
CA TYR A 253 1.86 -25.75 3.71
C TYR A 253 1.90 -27.03 4.54
N GLN A 254 1.35 -27.00 5.75
CA GLN A 254 1.30 -28.15 6.66
C GLN A 254 2.69 -28.80 6.85
N PRO A 255 3.71 -28.03 7.29
CA PRO A 255 5.05 -28.63 7.42
C PRO A 255 5.09 -29.62 8.57
N SER A 256 6.06 -30.55 8.53
CA SER A 256 6.15 -31.47 9.67
C SER A 256 7.34 -31.13 10.60
N ALA A 257 8.18 -30.14 10.22
CA ALA A 257 9.30 -29.68 11.06
C ALA A 257 9.49 -28.20 10.73
N VAL A 258 10.00 -27.43 11.70
CA VAL A 258 10.24 -26.00 11.48
C VAL A 258 11.64 -25.62 11.95
N VAL A 259 12.28 -24.70 11.19
CA VAL A 259 13.60 -24.17 11.55
C VAL A 259 13.32 -22.65 11.67
N LEU A 260 13.68 -22.07 12.81
CA LEU A 260 13.45 -20.65 13.08
C LEU A 260 14.79 -19.98 13.36
N GLN A 261 15.20 -19.10 12.44
CA GLN A 261 16.44 -18.31 12.56
C GLN A 261 16.03 -17.05 13.36
N CYS A 262 16.64 -16.85 14.57
CA CYS A 262 16.31 -15.77 15.51
C CYS A 262 17.35 -14.68 15.54
N GLY A 263 17.87 -14.29 14.38
CA GLY A 263 18.85 -13.21 14.29
C GLY A 263 18.37 -12.02 15.09
N ALA A 264 19.20 -11.55 16.03
CA ALA A 264 18.87 -10.47 16.98
C ALA A 264 19.22 -9.07 16.49
N ASP A 265 19.65 -8.96 15.23
CA ASP A 265 19.99 -7.65 14.64
C ASP A 265 18.72 -6.89 14.25
N SER A 266 17.54 -7.52 14.45
CA SER A 266 16.26 -6.84 14.21
C SER A 266 15.81 -6.11 15.51
N LEU A 267 16.65 -6.15 16.59
CA LEU A 267 16.30 -5.42 17.81
C LEU A 267 16.67 -3.94 17.74
N SER A 268 15.92 -3.14 18.51
CA SER A 268 16.18 -1.71 18.75
C SER A 268 17.63 -1.55 19.23
N GLY A 269 18.34 -0.54 18.73
CA GLY A 269 19.71 -0.26 19.16
C GLY A 269 20.80 -1.16 18.60
N ASP A 270 20.48 -2.02 17.61
CA ASP A 270 21.52 -2.86 17.02
C ASP A 270 22.54 -2.00 16.29
N ARG A 271 23.84 -2.31 16.44
CA ARG A 271 24.92 -1.58 15.78
C ARG A 271 24.78 -1.50 14.25
N LEU A 272 24.27 -2.58 13.63
CA LEU A 272 24.13 -2.60 12.17
C LEU A 272 22.68 -2.49 11.68
N GLY A 273 21.74 -2.87 12.53
CA GLY A 273 20.32 -2.89 12.18
C GLY A 273 19.64 -1.54 12.30
N CYS A 274 18.46 -1.40 11.69
CA CYS A 274 17.70 -0.17 11.69
C CYS A 274 16.22 -0.43 12.07
N PHE A 275 15.95 -1.52 12.85
CA PHE A 275 14.62 -1.85 13.33
C PHE A 275 14.49 -1.38 14.76
N ASN A 276 13.28 -1.49 15.34
CA ASN A 276 12.99 -0.99 16.68
C ASN A 276 12.20 -1.96 17.54
N LEU A 277 12.47 -3.30 17.37
CA LEU A 277 11.80 -4.29 18.19
C LEU A 277 12.42 -4.37 19.57
N THR A 278 11.63 -4.77 20.57
CA THR A 278 12.16 -5.02 21.92
C THR A 278 12.42 -6.54 21.97
N VAL A 279 13.01 -7.04 23.07
CA VAL A 279 13.24 -8.46 23.24
C VAL A 279 11.84 -9.18 23.32
N LYS A 280 10.85 -8.55 23.98
CA LYS A 280 9.52 -9.18 24.05
C LYS A 280 8.90 -9.29 22.63
N GLY A 281 9.07 -8.24 21.83
CA GLY A 281 8.53 -8.23 20.46
C GLY A 281 9.17 -9.30 19.60
N HIS A 282 10.50 -9.44 19.73
CA HIS A 282 11.24 -10.43 18.96
C HIS A 282 10.80 -11.84 19.46
N ALA A 283 10.75 -12.04 20.80
CA ALA A 283 10.39 -13.33 21.38
C ALA A 283 8.95 -13.75 21.11
N LYS A 284 8.07 -12.78 20.81
CA LYS A 284 6.67 -13.12 20.47
C LYS A 284 6.71 -14.05 19.24
N CYS A 285 7.72 -13.88 18.34
CA CYS A 285 7.83 -14.75 17.16
C CYS A 285 8.06 -16.16 17.55
N VAL A 286 8.94 -16.39 18.56
CA VAL A 286 9.21 -17.72 19.08
C VAL A 286 7.93 -18.27 19.68
N GLU A 287 7.20 -17.45 20.48
CA GLU A 287 5.93 -17.88 21.11
C GLU A 287 4.98 -18.36 20.01
N VAL A 288 4.79 -17.55 18.95
CA VAL A 288 3.89 -17.87 17.82
C VAL A 288 4.21 -19.21 17.17
N VAL A 289 5.50 -19.40 16.82
CA VAL A 289 5.92 -20.63 16.17
C VAL A 289 5.76 -21.85 17.08
N LYS A 290 6.16 -21.71 18.35
CA LYS A 290 6.10 -22.75 19.35
C LYS A 290 4.67 -23.27 19.55
N THR A 291 3.66 -22.40 19.44
CA THR A 291 2.28 -22.83 19.65
C THR A 291 1.79 -23.90 18.64
N PHE A 292 2.41 -23.98 17.43
CA PHE A 292 1.99 -24.99 16.44
C PHE A 292 2.38 -26.42 16.83
N ASN A 293 3.16 -26.60 17.92
CA ASN A 293 3.54 -27.91 18.42
C ASN A 293 4.21 -28.81 17.38
N LEU A 294 5.16 -28.26 16.60
CA LEU A 294 5.90 -29.04 15.61
C LEU A 294 7.38 -29.14 16.02
N PRO A 295 8.08 -30.23 15.62
CA PRO A 295 9.53 -30.33 15.92
C PRO A 295 10.15 -29.00 15.47
N LEU A 296 10.92 -28.33 16.36
CA LEU A 296 11.44 -27.00 16.05
C LEU A 296 12.90 -26.87 16.34
N LEU A 297 13.67 -26.36 15.37
CA LEU A 297 15.10 -26.12 15.52
C LEU A 297 15.21 -24.58 15.60
N MET A 298 15.68 -24.04 16.74
CA MET A 298 15.85 -22.59 16.96
CA MET A 298 15.83 -22.60 16.96
C MET A 298 17.32 -22.25 16.82
N LEU A 299 17.63 -21.29 15.92
CA LEU A 299 19.01 -20.91 15.65
C LEU A 299 19.28 -19.43 15.87
N GLY A 300 20.56 -19.10 16.00
CA GLY A 300 20.93 -17.69 16.19
C GLY A 300 21.00 -16.99 14.84
N GLY A 301 21.98 -16.11 14.67
CA GLY A 301 22.12 -15.36 13.44
C GLY A 301 22.83 -14.06 13.74
N GLY A 302 22.39 -12.97 13.13
CA GLY A 302 23.00 -11.68 13.41
C GLY A 302 22.71 -11.20 14.82
N GLY A 303 23.22 -10.00 15.14
CA GLY A 303 23.05 -9.40 16.47
C GLY A 303 24.40 -8.79 16.79
N TYR A 304 24.47 -7.44 16.77
CA TYR A 304 25.73 -6.72 16.88
C TYR A 304 25.87 -5.77 18.07
N THR A 305 24.82 -5.62 18.94
CA THR A 305 24.91 -4.88 20.24
C THR A 305 24.83 -6.08 21.19
N ILE A 306 26.01 -6.63 21.54
CA ILE A 306 26.08 -7.94 22.16
C ILE A 306 25.36 -8.05 23.50
N ARG A 307 25.22 -6.97 24.32
CA ARG A 307 24.45 -7.09 25.56
C ARG A 307 22.96 -7.42 25.23
N ASN A 308 22.45 -6.87 24.11
CA ASN A 308 21.07 -7.12 23.70
C ASN A 308 20.88 -8.50 23.09
N VAL A 309 21.90 -9.01 22.38
CA VAL A 309 21.83 -10.35 21.84
C VAL A 309 21.73 -11.34 23.01
N ALA A 310 22.57 -11.14 24.05
CA ALA A 310 22.54 -12.07 25.19
C ALA A 310 21.16 -12.02 25.87
N ARG A 311 20.58 -10.80 26.02
CA ARG A 311 19.27 -10.67 26.65
C ARG A 311 18.22 -11.42 25.81
N CYS A 312 18.29 -11.21 24.47
CA CYS A 312 17.31 -11.75 23.53
C CYS A 312 17.28 -13.27 23.54
N TRP A 313 18.45 -13.88 23.33
CA TRP A 313 18.53 -15.32 23.25
C TRP A 313 18.31 -15.98 24.62
N THR A 314 18.66 -15.28 25.72
CA THR A 314 18.38 -15.86 27.05
C THR A 314 16.86 -15.89 27.22
N TYR A 315 16.18 -14.77 26.87
CA TYR A 315 14.72 -14.76 27.03
C TYR A 315 14.05 -15.75 26.09
N GLU A 316 14.58 -15.88 24.87
CA GLU A 316 13.96 -16.85 23.93
C GLU A 316 14.17 -18.28 24.38
N THR A 317 15.27 -18.56 25.13
CA THR A 317 15.50 -19.89 25.67
C THR A 317 14.43 -20.10 26.78
N ALA A 318 14.18 -19.07 27.61
CA ALA A 318 13.16 -19.15 28.69
C ALA A 318 11.78 -19.42 28.06
N VAL A 319 11.48 -18.71 26.95
CA VAL A 319 10.20 -18.91 26.20
C VAL A 319 10.11 -20.36 25.74
N ALA A 320 11.19 -20.92 25.13
CA ALA A 320 11.20 -22.32 24.69
C ALA A 320 10.86 -23.27 25.85
N LEU A 321 11.36 -22.95 27.04
CA LEU A 321 11.14 -23.78 28.22
C LEU A 321 9.84 -23.51 29.00
N ASP A 322 9.06 -22.47 28.60
CA ASP A 322 7.86 -22.01 29.32
C ASP A 322 8.23 -21.71 30.77
N CYS A 323 9.38 -21.03 30.90
CA CYS A 323 9.91 -20.65 32.20
CA CYS A 323 9.96 -20.64 32.18
C CYS A 323 9.95 -19.14 32.34
N GLU A 324 9.24 -18.63 33.35
CA GLU A 324 9.21 -17.21 33.60
C GLU A 324 10.51 -16.90 34.33
N ILE A 325 11.14 -15.80 33.93
CA ILE A 325 12.40 -15.32 34.51
C ILE A 325 12.28 -13.84 34.88
N PRO A 326 12.87 -13.43 36.03
CA PRO A 326 12.76 -12.01 36.44
C PRO A 326 13.48 -11.02 35.52
N ASN A 327 12.97 -9.78 35.49
CA ASN A 327 13.57 -8.71 34.71
C ASN A 327 14.92 -8.28 35.32
N GLU A 328 15.06 -8.40 36.65
CA GLU A 328 16.31 -8.05 37.35
C GLU A 328 17.33 -9.11 36.91
N LEU A 329 18.44 -8.67 36.30
CA LEU A 329 19.43 -9.65 35.86
C LEU A 329 20.17 -10.29 37.03
N PRO A 330 20.42 -11.60 36.97
CA PRO A 330 21.22 -12.22 38.04
C PRO A 330 22.68 -11.83 37.83
N TYR A 331 23.48 -11.90 38.90
CA TYR A 331 24.90 -11.60 38.73
C TYR A 331 25.46 -12.66 37.75
N ASN A 332 26.45 -12.27 36.94
CA ASN A 332 27.01 -13.19 35.94
C ASN A 332 28.40 -12.67 35.58
N ASP A 333 29.17 -13.45 34.81
CA ASP A 333 30.56 -13.08 34.46
C ASP A 333 30.69 -11.82 33.62
N TYR A 334 29.58 -11.36 33.00
CA TYR A 334 29.58 -10.19 32.12
C TYR A 334 28.63 -9.15 32.64
N PHE A 335 28.34 -9.15 33.96
CA PHE A 335 27.37 -8.25 34.55
C PHE A 335 27.54 -6.77 34.13
N GLU A 336 28.78 -6.25 34.10
CA GLU A 336 29.02 -4.85 33.72
C GLU A 336 28.58 -4.50 32.29
N TYR A 337 28.46 -5.51 31.40
CA TYR A 337 28.02 -5.22 30.01
C TYR A 337 26.55 -4.78 29.96
N PHE A 338 25.77 -5.11 31.01
CA PHE A 338 24.33 -4.85 31.06
C PHE A 338 23.94 -3.55 31.75
N GLY A 339 24.92 -2.73 32.08
CA GLY A 339 24.64 -1.44 32.68
C GLY A 339 24.03 -0.52 31.63
N PRO A 340 23.47 0.62 32.03
CA PRO A 340 23.38 1.11 33.41
C PRO A 340 22.19 0.57 34.22
N ASP A 341 21.28 -0.16 33.55
CA ASP A 341 20.04 -0.67 34.15
C ASP A 341 20.08 -2.06 34.80
N PHE A 342 20.90 -2.96 34.24
CA PHE A 342 21.02 -4.34 34.73
C PHE A 342 19.67 -5.08 34.71
N LYS A 343 18.88 -4.80 33.64
CA LYS A 343 17.59 -5.45 33.44
C LYS A 343 17.66 -6.29 32.17
N LEU A 344 16.75 -7.26 32.07
CA LEU A 344 16.71 -8.15 30.91
C LEU A 344 16.05 -7.50 29.72
N HIS A 345 14.93 -6.79 29.98
CA HIS A 345 14.16 -6.21 28.89
C HIS A 345 14.63 -4.84 28.50
N ILE A 346 14.41 -4.52 27.21
CA ILE A 346 14.88 -3.28 26.62
C ILE A 346 13.71 -2.41 26.21
N SER A 347 13.98 -1.12 26.05
CA SER A 347 12.97 -0.13 25.64
C SER A 347 13.18 0.23 24.17
N PRO A 348 12.10 0.46 23.40
CA PRO A 348 12.29 0.90 22.01
C PRO A 348 12.80 2.33 22.02
N SER A 349 13.45 2.74 20.93
CA SER A 349 13.96 4.10 20.76
C SER A 349 12.82 4.98 20.20
N ASN A 350 13.11 6.27 19.98
CA ASN A 350 12.15 7.24 19.45
C ASN A 350 12.18 7.29 17.91
N MET A 351 12.98 6.41 17.26
CA MET A 351 13.10 6.41 15.79
C MET A 351 11.73 6.26 15.11
N THR A 352 11.59 6.92 13.96
CA THR A 352 10.35 6.87 13.22
C THR A 352 10.17 5.49 12.60
N ASN A 353 8.95 4.99 12.65
CA ASN A 353 8.59 3.75 11.99
C ASN A 353 8.14 4.13 10.59
N GLN A 354 8.96 3.84 9.59
CA GLN A 354 8.64 4.14 8.18
C GLN A 354 7.60 3.17 7.59
N ASN A 355 7.29 2.06 8.30
CA ASN A 355 6.32 1.02 7.92
C ASN A 355 4.93 1.46 8.40
N THR A 356 4.21 2.19 7.56
CA THR A 356 2.89 2.63 7.98
C THR A 356 1.98 1.41 8.17
N PRO A 357 0.91 1.54 8.96
CA PRO A 357 -0.02 0.41 9.12
C PRO A 357 -0.61 -0.02 7.78
N GLU A 358 -0.83 0.94 6.86
CA GLU A 358 -1.40 0.61 5.54
C GLU A 358 -0.40 -0.18 4.73
N TYR A 359 0.90 0.18 4.82
CA TYR A 359 1.93 -0.55 4.09
C TYR A 359 1.97 -2.00 4.61
N MET A 360 1.96 -2.17 5.95
CA MET A 360 2.03 -3.52 6.51
C MET A 360 0.84 -4.38 6.03
N GLU A 361 -0.35 -3.80 6.05
CA GLU A 361 -1.56 -4.53 5.60
C GLU A 361 -1.50 -4.86 4.14
N LYS A 362 -0.98 -3.91 3.32
CA LYS A 362 -0.91 -4.13 1.88
C LYS A 362 0.07 -5.26 1.49
N ILE A 363 1.25 -5.28 2.11
CA ILE A 363 2.22 -6.36 1.83
C ILE A 363 1.66 -7.68 2.30
N LYS A 364 1.04 -7.69 3.50
CA LYS A 364 0.44 -8.92 4.03
C LYS A 364 -0.62 -9.44 3.03
N GLN A 365 -1.45 -8.52 2.47
CA GLN A 365 -2.48 -8.93 1.50
C GLN A 365 -1.85 -9.54 0.25
N ARG A 366 -0.75 -8.95 -0.28
CA ARG A 366 -0.08 -9.49 -1.47
C ARG A 366 0.48 -10.90 -1.20
N LEU A 367 1.06 -11.10 -0.01
CA LEU A 367 1.58 -12.43 0.33
C LEU A 367 0.45 -13.45 0.48
N PHE A 368 -0.70 -13.03 1.03
CA PHE A 368 -1.88 -13.89 1.18
C PHE A 368 -2.36 -14.32 -0.20
N GLU A 369 -2.30 -13.43 -1.22
CA GLU A 369 -2.69 -13.81 -2.60
C GLU A 369 -1.77 -14.93 -3.10
N ASN A 370 -0.45 -14.84 -2.81
CA ASN A 370 0.50 -15.87 -3.23
C ASN A 370 0.26 -17.18 -2.52
N LEU A 371 -0.09 -17.11 -1.23
CA LEU A 371 -0.38 -18.30 -0.42
C LEU A 371 -1.63 -19.04 -0.90
N ARG A 372 -2.58 -18.31 -1.55
CA ARG A 372 -3.79 -18.94 -2.11
C ARG A 372 -3.42 -19.83 -3.30
N MET A 373 -2.21 -19.62 -3.86
CA MET A 373 -1.75 -20.38 -5.02
C MET A 373 -1.16 -21.74 -4.68
N LEU A 374 -1.04 -22.10 -3.39
CA LEU A 374 -0.53 -23.41 -2.99
C LEU A 374 -1.62 -24.47 -3.17
N LYS B 10 5.03 6.20 -32.34
CA LYS B 10 5.85 7.39 -32.06
C LYS B 10 6.96 7.07 -31.03
N LYS B 11 8.20 7.41 -31.37
CA LYS B 11 9.39 7.17 -30.55
C LYS B 11 9.48 8.15 -29.37
N VAL B 12 9.79 7.63 -28.14
CA VAL B 12 9.93 8.45 -26.93
C VAL B 12 11.34 8.30 -26.33
N CYS B 13 12.03 9.44 -26.10
CA CYS B 13 13.32 9.45 -25.41
C CYS B 13 13.12 10.17 -24.08
N TYR B 14 13.80 9.70 -23.06
CA TYR B 14 13.57 10.19 -21.71
C TYR B 14 14.91 10.40 -21.06
N TYR B 15 15.04 11.53 -20.37
CA TYR B 15 16.27 11.94 -19.71
C TYR B 15 16.20 11.86 -18.22
N TYR B 16 17.23 11.23 -17.61
CA TYR B 16 17.28 11.12 -16.17
C TYR B 16 18.69 10.90 -15.67
N ASP B 17 19.10 11.65 -14.64
CA ASP B 17 20.39 11.40 -14.00
C ASP B 17 20.08 10.95 -12.57
N GLY B 18 20.63 9.80 -12.18
CA GLY B 18 20.45 9.22 -10.85
C GLY B 18 20.85 10.07 -9.67
N ASP B 19 21.64 11.15 -9.89
CA ASP B 19 22.05 12.01 -8.80
C ASP B 19 20.94 13.06 -8.52
N ILE B 20 20.03 13.29 -9.49
CA ILE B 20 19.05 14.36 -9.38
C ILE B 20 18.24 14.34 -8.09
N GLY B 21 17.83 13.16 -7.63
CA GLY B 21 17.02 13.06 -6.42
C GLY B 21 17.71 13.38 -5.12
N ASN B 22 19.05 13.53 -5.15
CA ASN B 22 19.84 13.80 -3.94
C ASN B 22 20.04 15.31 -3.63
N TYR B 23 19.71 16.18 -4.59
CA TYR B 23 19.86 17.62 -4.35
C TYR B 23 18.75 18.02 -3.41
N TYR B 24 19.09 18.78 -2.39
CA TYR B 24 18.18 19.13 -1.35
C TYR B 24 18.09 20.62 -1.11
N TYR B 25 16.88 21.18 -1.24
CA TYR B 25 16.65 22.61 -1.06
C TYR B 25 16.74 23.08 0.38
N GLY B 26 16.66 22.16 1.33
CA GLY B 26 16.73 22.47 2.76
C GLY B 26 15.48 22.09 3.52
N GLN B 27 15.61 21.97 4.84
CA GLN B 27 14.50 21.59 5.71
C GLN B 27 13.31 22.51 5.55
N GLY B 28 12.15 21.90 5.32
CA GLY B 28 10.89 22.60 5.14
C GLY B 28 10.64 23.20 3.77
N HIS B 29 11.65 23.22 2.87
CA HIS B 29 11.43 23.80 1.54
C HIS B 29 10.52 22.87 0.72
N PRO B 30 9.46 23.39 0.10
CA PRO B 30 8.54 22.50 -0.64
C PRO B 30 9.10 21.81 -1.88
N MET B 31 10.12 22.38 -2.51
CA MET B 31 10.67 21.79 -3.74
C MET B 31 11.55 20.61 -3.38
N LYS B 32 11.18 19.42 -3.86
CA LYS B 32 11.85 18.18 -3.53
C LYS B 32 12.27 17.38 -4.76
N PRO B 33 13.53 17.57 -5.22
CA PRO B 33 14.02 16.82 -6.39
C PRO B 33 13.83 15.30 -6.27
N HIS B 34 13.74 14.76 -5.03
CA HIS B 34 13.50 13.33 -4.79
C HIS B 34 12.20 12.88 -5.54
N ARG B 35 11.22 13.81 -5.80
CA ARG B 35 10.02 13.40 -6.55
C ARG B 35 10.36 12.87 -7.96
N ILE B 36 11.48 13.34 -8.55
CA ILE B 36 11.89 12.91 -9.90
C ILE B 36 12.38 11.45 -9.81
N ARG B 37 13.09 11.13 -8.71
CA ARG B 37 13.56 9.77 -8.49
C ARG B 37 12.36 8.84 -8.22
N MET B 38 11.36 9.32 -7.46
CA MET B 38 10.17 8.50 -7.19
C MET B 38 9.46 8.21 -8.52
N THR B 39 9.38 9.23 -9.41
CA THR B 39 8.75 9.02 -10.72
C THR B 39 9.54 7.97 -11.48
N HIS B 40 10.86 8.12 -11.53
CA HIS B 40 11.68 7.17 -12.29
C HIS B 40 11.52 5.74 -11.78
N ASN B 41 11.50 5.55 -10.46
CA ASN B 41 11.41 4.19 -9.91
C ASN B 41 10.01 3.60 -10.13
N LEU B 42 8.98 4.44 -10.11
CA LEU B 42 7.64 3.94 -10.36
C LEU B 42 7.55 3.46 -11.84
N LEU B 43 8.07 4.28 -12.79
N LEU B 43 8.13 4.24 -12.77
CA LEU B 43 7.99 3.85 -14.20
CA LEU B 43 8.17 3.85 -14.19
C LEU B 43 8.89 2.60 -14.47
C LEU B 43 8.88 2.54 -14.39
N LEU B 44 10.01 2.38 -13.71
CA LEU B 44 10.81 1.14 -13.82
C LEU B 44 9.90 -0.04 -13.41
N ASN B 45 9.23 0.10 -12.26
CA ASN B 45 8.42 -0.98 -11.69
C ASN B 45 7.15 -1.27 -12.48
N TYR B 46 6.68 -0.30 -13.30
CA TYR B 46 5.54 -0.54 -14.20
C TYR B 46 6.02 -1.27 -15.49
N GLY B 47 7.34 -1.40 -15.68
CA GLY B 47 7.91 -2.06 -16.86
C GLY B 47 8.00 -1.17 -18.09
N LEU B 48 7.93 0.15 -17.90
CA LEU B 48 7.90 1.08 -19.02
C LEU B 48 9.26 1.35 -19.66
N TYR B 49 10.38 0.96 -19.01
CA TYR B 49 11.71 1.21 -19.64
C TYR B 49 11.87 0.49 -20.97
N ARG B 50 11.24 -0.71 -21.11
CA ARG B 50 11.28 -1.56 -22.32
C ARG B 50 10.88 -0.78 -23.56
N LYS B 51 9.93 0.17 -23.40
CA LYS B 51 9.33 0.94 -24.47
C LYS B 51 10.00 2.26 -24.84
N MET B 52 11.01 2.69 -24.08
CA MET B 52 11.60 3.98 -24.44
C MET B 52 13.12 3.98 -24.36
N GLU B 53 13.74 5.00 -25.00
CA GLU B 53 15.19 5.16 -24.96
C GLU B 53 15.43 6.04 -23.76
N ILE B 54 16.22 5.56 -22.80
CA ILE B 54 16.53 6.29 -21.59
C ILE B 54 17.97 6.75 -21.68
N TYR B 55 18.18 8.04 -21.44
CA TYR B 55 19.51 8.63 -21.48
C TYR B 55 19.81 9.40 -20.22
N ARG B 56 21.11 9.48 -19.89
CA ARG B 56 21.58 10.30 -18.79
C ARG B 56 21.95 11.62 -19.50
N PRO B 57 21.46 12.75 -19.03
CA PRO B 57 21.81 14.02 -19.69
C PRO B 57 23.26 14.38 -19.42
N HIS B 58 23.83 15.25 -20.27
CA HIS B 58 25.14 15.79 -19.96
C HIS B 58 24.89 16.93 -18.98
N LYS B 59 25.95 17.43 -18.33
CA LYS B 59 25.87 18.61 -17.48
C LYS B 59 26.00 19.80 -18.43
N ALA B 60 24.91 20.60 -18.58
CA ALA B 60 24.94 21.77 -19.44
C ALA B 60 26.04 22.72 -18.98
N THR B 61 26.83 23.24 -19.93
CA THR B 61 27.93 24.12 -19.58
C THR B 61 27.47 25.56 -19.32
N ALA B 62 28.38 26.37 -18.71
CA ALA B 62 28.10 27.79 -18.50
C ALA B 62 27.83 28.46 -19.88
N GLU B 63 28.59 28.05 -20.93
CA GLU B 63 28.43 28.57 -22.29
C GLU B 63 27.03 28.21 -22.86
N GLU B 64 26.53 27.00 -22.59
CA GLU B 64 25.17 26.66 -23.04
C GLU B 64 24.14 27.56 -22.28
N MET B 65 24.36 27.77 -20.99
CA MET B 65 23.41 28.57 -20.19
C MET B 65 23.41 30.06 -20.57
N THR B 66 24.57 30.61 -21.01
CA THR B 66 24.61 32.03 -21.38
C THR B 66 24.05 32.30 -22.77
N LYS B 67 23.46 31.26 -23.44
CA LYS B 67 22.75 31.49 -24.70
C LYS B 67 21.51 32.35 -24.37
N TYR B 68 21.13 32.36 -23.07
CA TYR B 68 20.04 33.17 -22.57
C TYR B 68 20.47 33.99 -21.37
N HIS B 69 20.93 33.32 -20.31
CA HIS B 69 21.27 34.00 -19.08
C HIS B 69 22.49 34.90 -19.18
N SER B 70 22.55 35.92 -18.31
CA SER B 70 23.74 36.79 -18.36
C SER B 70 24.97 36.04 -17.81
N ASP B 71 26.15 36.38 -18.34
CA ASP B 71 27.40 35.77 -17.91
C ASP B 71 27.64 36.01 -16.42
N GLU B 72 27.28 37.22 -15.92
CA GLU B 72 27.45 37.56 -14.51
C GLU B 72 26.62 36.62 -13.61
N TYR B 73 25.36 36.41 -13.99
CA TYR B 73 24.46 35.56 -13.19
C TYR B 73 24.92 34.09 -13.15
N ILE B 74 25.31 33.55 -14.33
CA ILE B 74 25.80 32.17 -14.41
C ILE B 74 27.10 31.99 -13.61
N LYS B 75 28.00 33.00 -13.71
CA LYS B 75 29.26 32.95 -12.95
C LYS B 75 28.95 32.88 -11.45
N PHE B 76 27.94 33.66 -10.99
CA PHE B 76 27.53 33.62 -9.60
C PHE B 76 26.98 32.21 -9.21
N LEU B 77 26.09 31.64 -10.05
CA LEU B 77 25.57 30.31 -9.71
C LEU B 77 26.67 29.25 -9.63
N ARG B 78 27.69 29.37 -10.49
CA ARG B 78 28.81 28.42 -10.54
C ARG B 78 29.77 28.60 -9.35
N SER B 79 29.70 29.75 -8.65
CA SER B 79 30.59 30.09 -7.54
C SER B 79 29.98 29.96 -6.15
N ILE B 80 28.68 30.26 -6.02
CA ILE B 80 27.98 30.32 -4.73
C ILE B 80 27.87 28.96 -4.04
N ARG B 81 28.25 28.91 -2.75
CA ARG B 81 28.18 27.67 -1.98
C ARG B 81 27.71 27.99 -0.57
N PRO B 82 27.13 27.05 0.20
CA PRO B 82 26.76 27.39 1.58
C PRO B 82 27.97 27.90 2.40
N ASP B 83 29.18 27.38 2.14
CA ASP B 83 30.38 27.77 2.91
C ASP B 83 31.02 29.13 2.50
N ASN B 84 30.57 29.75 1.38
CA ASN B 84 31.14 31.06 1.00
C ASN B 84 30.08 32.16 0.90
N MET B 85 28.81 31.84 1.29
CA MET B 85 27.65 32.75 1.28
C MET B 85 27.90 34.12 1.90
N SER B 86 28.67 34.16 3.02
CA SER B 86 28.99 35.40 3.73
C SER B 86 29.74 36.41 2.84
N GLU B 87 30.51 35.94 1.85
CA GLU B 87 31.27 36.79 0.94
C GLU B 87 30.45 37.29 -0.25
N TYR B 88 29.22 36.74 -0.44
CA TYR B 88 28.39 37.04 -1.59
C TYR B 88 27.05 37.72 -1.27
N SER B 89 26.95 38.45 -0.15
CA SER B 89 25.70 39.14 0.25
C SER B 89 25.12 40.04 -0.85
N LYS B 90 25.95 40.88 -1.50
CA LYS B 90 25.50 41.78 -2.59
C LYS B 90 24.97 41.02 -3.79
N GLN B 91 25.72 39.97 -4.24
CA GLN B 91 25.32 39.19 -5.39
C GLN B 91 24.08 38.36 -5.11
N MET B 92 23.94 37.82 -3.87
CA MET B 92 22.75 37.04 -3.49
C MET B 92 21.49 37.93 -3.63
N GLN B 93 21.61 39.20 -3.20
CA GLN B 93 20.52 40.19 -3.30
C GLN B 93 20.25 40.51 -4.75
N ARG B 94 21.30 40.82 -5.56
CA ARG B 94 21.11 41.18 -6.96
C ARG B 94 20.44 40.04 -7.77
N PHE B 95 20.86 38.80 -7.50
CA PHE B 95 20.39 37.64 -8.27
C PHE B 95 19.21 36.92 -7.64
N ASN B 96 18.64 37.49 -6.54
CA ASN B 96 17.45 36.95 -5.86
C ASN B 96 17.61 35.52 -5.35
N VAL B 97 18.77 35.24 -4.76
CA VAL B 97 19.07 33.93 -4.20
C VAL B 97 19.13 34.11 -2.67
N GLY B 98 18.41 33.24 -1.94
CA GLY B 98 18.38 33.29 -0.47
C GLY B 98 17.03 33.11 0.20
N GLU B 99 15.92 33.39 -0.50
CA GLU B 99 14.55 33.26 0.05
C GLU B 99 13.88 32.00 -0.54
N ASP B 100 13.03 32.16 -1.57
CA ASP B 100 12.37 31.06 -2.28
C ASP B 100 13.46 30.22 -2.98
N CYS B 101 14.58 30.84 -3.38
CA CYS B 101 15.64 30.16 -4.12
C CYS B 101 16.90 30.09 -3.24
N PRO B 102 16.99 29.07 -2.39
CA PRO B 102 18.12 29.01 -1.45
C PRO B 102 19.44 28.58 -2.06
N VAL B 103 20.51 28.80 -1.31
CA VAL B 103 21.82 28.28 -1.71
C VAL B 103 21.84 26.88 -1.10
N PHE B 104 22.16 25.87 -1.89
CA PHE B 104 22.30 24.52 -1.37
C PHE B 104 23.48 23.84 -2.02
N ASP B 105 24.00 22.77 -1.37
CA ASP B 105 25.12 21.99 -1.87
C ASP B 105 24.80 21.45 -3.26
N GLY B 106 25.68 21.70 -4.24
CA GLY B 106 25.49 21.18 -5.59
C GLY B 106 24.46 21.91 -6.44
N LEU B 107 24.06 23.10 -6.01
CA LEU B 107 23.08 23.94 -6.74
C LEU B 107 23.43 24.01 -8.23
N PHE B 108 24.70 24.36 -8.57
CA PHE B 108 25.05 24.49 -9.98
C PHE B 108 24.89 23.17 -10.74
N GLU B 109 25.35 22.06 -10.14
CA GLU B 109 25.26 20.74 -10.76
C GLU B 109 23.78 20.39 -11.01
N PHE B 110 22.92 20.71 -10.06
CA PHE B 110 21.48 20.47 -10.19
C PHE B 110 20.93 21.23 -11.44
N CYS B 111 21.33 22.53 -11.59
CA CYS B 111 20.95 23.34 -12.73
C CYS B 111 21.49 22.71 -14.00
N GLN B 112 22.76 22.24 -13.96
CA GLN B 112 23.34 21.64 -15.16
C GLN B 112 22.59 20.40 -15.64
N LEU B 113 22.18 19.55 -14.70
CA LEU B 113 21.49 18.32 -15.07
C LEU B 113 20.04 18.58 -15.48
N SER B 114 19.37 19.53 -14.80
CA SER B 114 17.99 19.86 -15.18
C SER B 114 18.01 20.44 -16.60
N THR B 115 18.96 21.38 -16.86
CA THR B 115 19.08 22.01 -18.16
C THR B 115 19.55 21.03 -19.23
N GLY B 116 20.53 20.21 -18.87
CA GLY B 116 21.09 19.22 -19.79
C GLY B 116 20.04 18.34 -20.44
N GLY B 117 19.05 17.89 -19.65
CA GLY B 117 18.05 17.04 -20.24
C GLY B 117 17.12 17.77 -21.19
N SER B 118 16.79 19.03 -20.89
CA SER B 118 15.90 19.74 -21.81
C SER B 118 16.60 20.08 -23.14
N VAL B 119 17.86 20.54 -23.07
CA VAL B 119 18.56 20.90 -24.30
C VAL B 119 18.89 19.61 -25.09
N ALA B 120 19.28 18.52 -24.41
CA ALA B 120 19.56 17.27 -25.13
C ALA B 120 18.29 16.78 -25.84
N GLY B 121 17.13 16.90 -25.15
CA GLY B 121 15.86 16.50 -25.75
C GLY B 121 15.54 17.29 -27.00
N ALA B 122 15.78 18.62 -26.94
CA ALA B 122 15.53 19.52 -28.05
C ALA B 122 16.44 19.14 -29.24
N VAL B 123 17.72 18.83 -28.96
CA VAL B 123 18.66 18.42 -30.04
C VAL B 123 18.13 17.12 -30.69
N LYS B 124 17.69 16.13 -29.86
CA LYS B 124 17.17 14.88 -30.39
C LYS B 124 15.98 15.13 -31.30
N LEU B 125 15.10 16.08 -30.91
CA LEU B 125 13.94 16.40 -31.73
C LEU B 125 14.42 17.09 -33.03
N ASN B 126 15.37 18.03 -32.92
CA ASN B 126 15.89 18.75 -34.11
C ASN B 126 16.50 17.80 -35.13
N ARG B 127 17.19 16.78 -34.62
CA ARG B 127 17.85 15.76 -35.48
C ARG B 127 16.89 14.69 -36.00
N GLN B 128 15.58 14.81 -35.65
CA GLN B 128 14.52 13.90 -36.06
C GLN B 128 14.84 12.47 -35.63
N GLN B 129 15.46 12.34 -34.45
CA GLN B 129 15.81 11.02 -33.89
C GLN B 129 14.76 10.51 -32.93
N THR B 130 13.77 11.35 -32.61
CA THR B 130 12.67 11.00 -31.73
C THR B 130 11.48 11.89 -32.07
N ASP B 131 10.29 11.45 -31.68
CA ASP B 131 9.04 12.19 -31.85
C ASP B 131 8.72 12.96 -30.56
N MET B 132 9.10 12.37 -29.41
CA MET B 132 8.87 12.99 -28.09
C MET B 132 10.09 12.84 -27.26
N ALA B 133 10.42 13.86 -26.49
CA ALA B 133 11.54 13.82 -25.55
C ALA B 133 10.95 14.25 -24.21
N VAL B 134 11.33 13.57 -23.15
CA VAL B 134 10.82 13.84 -21.81
C VAL B 134 11.95 14.18 -20.84
N ASN B 135 11.80 15.26 -20.08
CA ASN B 135 12.75 15.59 -19.03
C ASN B 135 11.98 16.08 -17.79
N TRP B 136 11.65 15.16 -16.87
CA TRP B 136 10.89 15.56 -15.69
C TRP B 136 11.68 16.46 -14.74
N ALA B 137 13.02 16.53 -14.87
CA ALA B 137 13.82 17.42 -14.00
C ALA B 137 13.81 18.84 -14.54
N GLY B 138 13.23 19.06 -15.73
CA GLY B 138 13.16 20.38 -16.35
C GLY B 138 11.83 21.05 -16.08
N GLY B 139 11.54 22.11 -16.85
CA GLY B 139 10.31 22.90 -16.71
C GLY B 139 10.38 24.00 -15.68
N LEU B 140 11.60 24.51 -15.38
CA LEU B 140 11.77 25.53 -14.34
C LEU B 140 11.51 26.93 -14.90
N HIS B 141 10.24 27.15 -15.24
CA HIS B 141 9.75 28.30 -15.97
C HIS B 141 9.88 29.68 -15.35
N HIS B 142 10.18 29.81 -14.06
CA HIS B 142 10.23 31.15 -13.44
C HIS B 142 11.57 31.83 -13.54
N ALA B 143 12.65 31.08 -13.81
CA ALA B 143 13.98 31.73 -13.85
C ALA B 143 14.05 32.80 -14.93
N LYS B 144 14.74 33.89 -14.60
CA LYS B 144 14.86 35.05 -15.49
C LYS B 144 16.27 35.19 -16.03
N LYS B 145 16.47 36.08 -17.01
CA LYS B 145 17.79 36.27 -17.61
C LYS B 145 18.94 36.45 -16.58
N SER B 146 18.70 37.26 -15.55
CA SER B 146 19.73 37.54 -14.55
C SER B 146 19.21 37.42 -13.13
N GLU B 147 18.24 36.51 -12.88
CA GLU B 147 17.69 36.41 -11.55
C GLU B 147 17.03 35.05 -11.32
N ALA B 148 17.20 34.50 -10.12
CA ALA B 148 16.49 33.26 -9.80
C ALA B 148 15.09 33.68 -9.34
N SER B 149 14.12 32.75 -9.41
CA SER B 149 12.78 33.09 -8.96
C SER B 149 11.94 31.83 -8.87
N GLY B 150 11.05 31.80 -7.88
CA GLY B 150 10.08 30.71 -7.71
C GLY B 150 10.66 29.31 -7.76
N PHE B 151 11.77 29.10 -7.02
CA PHE B 151 12.47 27.80 -6.89
C PHE B 151 13.26 27.42 -8.14
N CYS B 152 13.30 28.32 -9.14
CA CYS B 152 13.96 28.09 -10.43
C CYS B 152 15.21 28.95 -10.53
N TYR B 153 16.32 28.38 -11.04
CA TYR B 153 17.57 29.17 -11.17
C TYR B 153 17.96 29.39 -12.64
N VAL B 154 17.94 28.32 -13.44
CA VAL B 154 18.27 28.39 -14.86
C VAL B 154 17.02 27.98 -15.62
N ASN B 155 16.65 28.80 -16.61
CA ASN B 155 15.44 28.51 -17.34
C ASN B 155 15.76 27.54 -18.47
N ASP B 156 15.69 26.25 -18.12
CA ASP B 156 15.95 25.18 -19.10
C ASP B 156 14.98 25.24 -20.26
N ILE B 157 13.75 25.78 -20.02
CA ILE B 157 12.77 25.82 -21.10
C ILE B 157 13.23 26.80 -22.17
N VAL B 158 13.62 28.02 -21.72
CA VAL B 158 14.03 29.05 -22.70
C VAL B 158 15.21 28.49 -23.49
N LEU B 159 16.15 27.84 -22.80
CA LEU B 159 17.32 27.27 -23.52
C LEU B 159 16.93 26.18 -24.53
N ALA B 160 15.97 25.31 -24.16
CA ALA B 160 15.50 24.27 -25.07
C ALA B 160 14.79 24.89 -26.26
N ILE B 161 13.98 25.96 -26.02
CA ILE B 161 13.28 26.62 -27.12
C ILE B 161 14.28 27.29 -28.07
N LEU B 162 15.32 27.92 -27.52
CA LEU B 162 16.36 28.54 -28.38
C LEU B 162 16.99 27.46 -29.25
N GLU B 163 17.22 26.25 -28.69
CA GLU B 163 17.75 25.12 -29.47
C GLU B 163 16.73 24.74 -30.58
N LEU B 164 15.42 24.58 -30.23
CA LEU B 164 14.43 24.25 -31.26
C LEU B 164 14.37 25.31 -32.36
N LEU B 165 14.53 26.59 -31.98
CA LEU B 165 14.48 27.71 -32.95
C LEU B 165 15.58 27.62 -34.03
N LYS B 166 16.60 26.79 -33.80
CA LYS B 166 17.63 26.63 -34.84
C LYS B 166 17.05 25.91 -36.07
N TYR B 167 16.05 25.05 -35.87
CA TYR B 167 15.44 24.25 -36.92
C TYR B 167 13.98 24.53 -37.22
N HIS B 168 13.27 25.22 -36.28
CA HIS B 168 11.84 25.47 -36.38
C HIS B 168 11.52 26.93 -36.44
N GLN B 169 10.83 27.38 -37.52
CA GLN B 169 10.47 28.78 -37.66
C GLN B 169 9.57 29.23 -36.51
N ARG B 170 8.59 28.38 -36.13
CA ARG B 170 7.61 28.69 -35.08
C ARG B 170 7.53 27.56 -34.07
N VAL B 171 7.70 27.91 -32.79
CA VAL B 171 7.63 26.96 -31.69
C VAL B 171 6.49 27.35 -30.75
N LEU B 172 5.65 26.37 -30.37
CA LEU B 172 4.58 26.64 -29.44
C LEU B 172 4.97 26.12 -28.06
N TYR B 173 4.80 26.97 -27.05
CA TYR B 173 5.07 26.60 -25.65
C TYR B 173 3.71 26.57 -24.92
N ILE B 174 3.37 25.46 -24.23
CA ILE B 174 2.09 25.36 -23.50
C ILE B 174 2.50 25.02 -22.06
N ASP B 175 1.91 25.72 -21.09
CA ASP B 175 2.27 25.54 -19.69
C ASP B 175 1.03 25.27 -18.84
N ILE B 176 0.94 24.07 -18.22
CA ILE B 176 -0.22 23.68 -17.41
C ILE B 176 0.11 23.62 -15.91
N ASP B 177 1.27 24.20 -15.52
CA ASP B 177 1.63 24.38 -14.12
C ASP B 177 0.55 25.35 -13.56
N ILE B 178 0.29 25.29 -12.25
CA ILE B 178 -0.71 26.22 -11.70
C ILE B 178 -0.19 27.68 -11.70
N HIS B 179 1.14 27.90 -11.76
CA HIS B 179 1.75 29.23 -11.75
C HIS B 179 1.98 29.72 -13.17
N HIS B 180 1.77 31.03 -13.39
CA HIS B 180 2.02 31.61 -14.72
C HIS B 180 3.48 31.35 -15.15
N GLY B 181 3.68 30.95 -16.39
CA GLY B 181 5.02 30.71 -16.94
C GLY B 181 5.65 32.02 -17.37
N ASP B 182 5.93 32.88 -16.37
CA ASP B 182 6.46 34.22 -16.57
C ASP B 182 7.86 34.31 -17.18
N GLY B 183 8.79 33.45 -16.75
CA GLY B 183 10.15 33.54 -17.29
C GLY B 183 10.19 33.25 -18.78
N VAL B 184 9.40 32.25 -19.21
CA VAL B 184 9.35 31.87 -20.62
C VAL B 184 8.59 32.95 -21.41
N GLU B 185 7.45 33.43 -20.86
CA GLU B 185 6.70 34.47 -21.56
C GLU B 185 7.58 35.72 -21.77
N GLU B 186 8.29 36.14 -20.72
CA GLU B 186 9.15 37.35 -20.80
C GLU B 186 10.25 37.20 -21.83
N ALA B 187 10.90 36.02 -21.85
CA ALA B 187 12.00 35.79 -22.77
C ALA B 187 11.63 36.01 -24.24
N PHE B 188 10.41 35.63 -24.63
CA PHE B 188 9.93 35.69 -26.01
C PHE B 188 8.79 36.69 -26.24
N TYR B 189 8.57 37.61 -25.30
CA TYR B 189 7.43 38.54 -25.35
C TYR B 189 7.35 39.39 -26.61
N THR B 190 8.51 39.72 -27.20
CA THR B 190 8.51 40.57 -28.41
C THR B 190 8.83 39.83 -29.73
N THR B 191 8.71 38.50 -29.75
CA THR B 191 8.92 37.77 -30.99
C THR B 191 7.69 36.97 -31.34
N ASP B 192 7.48 36.73 -32.65
CA ASP B 192 6.41 35.93 -33.18
C ASP B 192 6.92 34.50 -33.46
N ARG B 193 8.19 34.23 -33.16
CA ARG B 193 8.78 32.91 -33.44
C ARG B 193 8.45 31.89 -32.34
N VAL B 194 7.85 32.38 -31.25
CA VAL B 194 7.42 31.52 -30.16
C VAL B 194 6.09 32.06 -29.73
N MET B 195 5.11 31.16 -29.60
CA MET B 195 3.83 31.52 -29.02
C MET B 195 3.82 30.86 -27.64
N THR B 196 3.53 31.63 -26.60
CA THR B 196 3.49 31.09 -25.24
C THR B 196 2.04 31.05 -24.77
N VAL B 197 1.58 29.87 -24.27
CA VAL B 197 0.18 29.73 -23.85
C VAL B 197 0.20 29.20 -22.40
N SER B 198 -0.28 29.99 -21.43
CA SER B 198 -0.24 29.58 -20.03
C SER B 198 -1.65 29.57 -19.44
N PHE B 199 -1.99 28.48 -18.72
CA PHE B 199 -3.25 28.31 -17.99
C PHE B 199 -2.81 28.30 -16.53
N HIS B 200 -3.33 29.24 -15.72
CA HIS B 200 -2.81 29.32 -14.33
C HIS B 200 -3.77 30.01 -13.41
N LYS B 201 -3.54 29.86 -12.10
CA LYS B 201 -4.32 30.61 -11.12
C LYS B 201 -3.85 32.05 -11.20
N TYR B 202 -4.80 32.98 -11.19
CA TYR B 202 -4.44 34.38 -11.25
C TYR B 202 -5.27 35.12 -10.20
N GLY B 203 -4.56 35.95 -9.41
CA GLY B 203 -5.17 36.75 -8.33
C GLY B 203 -4.61 36.35 -6.99
N GLU B 204 -3.88 37.28 -6.33
CA GLU B 204 -3.25 37.05 -5.01
C GLU B 204 -2.47 35.74 -5.05
N TYR B 205 -1.61 35.60 -6.08
CA TYR B 205 -0.89 34.34 -6.26
C TYR B 205 0.38 34.54 -7.04
N PHE B 206 1.43 33.83 -6.65
CA PHE B 206 2.71 33.96 -7.31
C PHE B 206 2.57 33.57 -8.79
N PRO B 207 3.29 34.23 -9.74
CA PRO B 207 4.20 35.38 -9.58
C PRO B 207 3.52 36.76 -9.73
N GLY B 208 2.19 36.76 -9.87
CA GLY B 208 1.38 37.98 -9.98
C GLY B 208 1.16 38.47 -11.40
N THR B 209 1.68 37.74 -12.38
CA THR B 209 1.59 38.08 -13.79
C THR B 209 0.68 37.10 -14.54
N GLY B 210 0.52 37.30 -15.84
CA GLY B 210 -0.32 36.44 -16.63
C GLY B 210 -1.76 36.89 -16.67
N ASP B 211 -1.97 38.22 -16.77
CA ASP B 211 -3.31 38.75 -16.90
C ASP B 211 -3.80 38.40 -18.31
N LEU B 212 -5.13 38.29 -18.48
CA LEU B 212 -5.79 38.04 -19.76
C LEU B 212 -5.29 39.08 -20.81
N ARG B 213 -5.01 40.30 -20.36
CA ARG B 213 -4.61 41.43 -21.23
C ARG B 213 -3.13 41.45 -21.59
N ASP B 214 -2.34 40.51 -21.06
CA ASP B 214 -0.91 40.43 -21.40
C ASP B 214 -0.87 39.54 -22.64
N ILE B 215 -0.75 40.18 -23.83
CA ILE B 215 -0.84 39.47 -25.11
C ILE B 215 0.45 39.58 -25.97
N GLY B 216 1.50 40.14 -25.42
CA GLY B 216 2.73 40.31 -26.19
C GLY B 216 2.91 41.76 -26.60
N ALA B 217 4.08 42.09 -27.15
CA ALA B 217 4.38 43.46 -27.57
C ALA B 217 5.19 43.47 -28.86
N GLY B 218 5.09 44.56 -29.64
CA GLY B 218 5.82 44.68 -30.89
C GLY B 218 5.46 43.55 -31.84
N LYS B 219 6.50 42.89 -32.44
CA LYS B 219 6.26 41.76 -33.34
C LYS B 219 5.59 40.60 -32.57
N GLY B 220 5.76 40.60 -31.24
CA GLY B 220 5.16 39.60 -30.35
C GLY B 220 3.69 39.82 -30.02
N LYS B 221 3.08 40.98 -30.44
CA LYS B 221 1.66 41.20 -30.13
C LYS B 221 0.78 40.09 -30.69
N TYR B 222 -0.03 39.47 -29.80
CA TYR B 222 -0.95 38.35 -30.03
C TYR B 222 -0.22 36.99 -29.92
N TYR B 223 1.08 36.99 -29.60
CA TYR B 223 1.82 35.72 -29.51
C TYR B 223 2.06 35.27 -28.07
N ALA B 224 1.35 35.90 -27.11
CA ALA B 224 1.38 35.47 -25.71
C ALA B 224 -0.09 35.32 -25.35
N VAL B 225 -0.46 34.15 -24.81
CA VAL B 225 -1.85 33.83 -24.47
C VAL B 225 -1.86 33.43 -23.00
N ASN B 226 -2.73 34.07 -22.24
CA ASN B 226 -2.88 33.80 -20.82
C ASN B 226 -4.34 33.52 -20.47
N PHE B 227 -4.59 32.33 -19.85
CA PHE B 227 -5.94 31.99 -19.42
C PHE B 227 -5.89 32.00 -17.87
N PRO B 228 -6.34 33.10 -17.24
CA PRO B 228 -6.35 33.19 -15.77
C PRO B 228 -7.55 32.44 -15.20
N MET B 229 -7.31 31.66 -14.14
N MET B 229 -7.27 31.63 -14.15
CA MET B 229 -8.38 30.92 -13.51
CA MET B 229 -8.23 30.78 -13.48
C MET B 229 -8.43 31.20 -12.02
C MET B 229 -8.33 31.03 -11.97
N ARG B 230 -9.50 30.71 -11.39
CA ARG B 230 -9.74 30.82 -9.97
C ARG B 230 -9.55 29.45 -9.34
N ASP B 231 -9.63 29.38 -8.01
CA ASP B 231 -9.47 28.11 -7.31
C ASP B 231 -10.50 27.07 -7.72
N GLY B 232 -10.10 25.81 -7.59
CA GLY B 232 -11.04 24.73 -7.75
C GLY B 232 -11.40 24.21 -9.11
N ILE B 233 -10.67 24.63 -10.17
N ILE B 233 -10.67 24.63 -10.16
CA ILE B 233 -10.97 24.12 -11.51
CA ILE B 233 -10.99 24.10 -11.50
C ILE B 233 -10.87 22.58 -11.47
C ILE B 233 -10.88 22.57 -11.46
N ASP B 234 -11.80 21.90 -12.15
CA ASP B 234 -11.85 20.45 -12.18
C ASP B 234 -11.58 19.91 -13.57
N ASP B 235 -11.54 18.56 -13.71
CA ASP B 235 -11.23 17.96 -15.00
C ASP B 235 -12.18 18.38 -16.11
N GLU B 236 -13.49 18.35 -15.82
CA GLU B 236 -14.48 18.67 -16.85
C GLU B 236 -14.28 20.11 -17.36
N SER B 237 -14.18 21.09 -16.43
CA SER B 237 -14.04 22.50 -16.77
C SER B 237 -12.74 22.79 -17.53
N TYR B 238 -11.64 22.20 -17.03
CA TYR B 238 -10.34 22.40 -17.65
C TYR B 238 -10.30 21.83 -19.07
N GLY B 239 -10.75 20.58 -19.20
CA GLY B 239 -10.75 19.86 -20.48
C GLY B 239 -11.57 20.58 -21.54
N GLN B 240 -12.73 21.16 -21.12
CA GLN B 240 -13.64 21.91 -22.00
C GLN B 240 -13.02 23.14 -22.60
N ILE B 241 -12.04 23.77 -21.91
CA ILE B 241 -11.39 24.94 -22.52
C ILE B 241 -10.03 24.62 -23.13
N PHE B 242 -9.30 23.63 -22.59
CA PHE B 242 -7.95 23.35 -23.13
C PHE B 242 -7.96 22.92 -24.60
N LYS B 243 -8.76 21.89 -24.93
CA LYS B 243 -8.80 21.36 -26.30
C LYS B 243 -9.21 22.45 -27.32
N PRO B 244 -10.32 23.22 -27.11
CA PRO B 244 -10.66 24.26 -28.10
C PRO B 244 -9.59 25.35 -28.23
N ILE B 245 -9.01 25.79 -27.09
CA ILE B 245 -7.97 26.84 -27.15
C ILE B 245 -6.74 26.31 -27.90
N ILE B 246 -6.23 25.11 -27.52
CA ILE B 246 -5.06 24.58 -28.21
C ILE B 246 -5.37 24.31 -29.69
N SER B 247 -6.56 23.79 -30.02
CA SER B 247 -6.89 23.53 -31.44
C SER B 247 -6.87 24.82 -32.25
N LYS B 248 -7.39 25.92 -31.68
CA LYS B 248 -7.40 27.24 -32.36
C LYS B 248 -5.98 27.79 -32.54
N VAL B 249 -5.15 27.63 -31.48
CA VAL B 249 -3.75 28.06 -31.51
C VAL B 249 -3.04 27.27 -32.62
N MET B 250 -3.26 25.95 -32.69
CA MET B 250 -2.62 25.11 -33.70
C MET B 250 -3.03 25.57 -35.12
N GLU B 251 -4.33 25.83 -35.30
CA GLU B 251 -4.88 26.26 -36.59
C GLU B 251 -4.28 27.61 -37.03
N MET B 252 -4.24 28.60 -36.13
CA MET B 252 -3.76 29.92 -36.49
C MET B 252 -2.26 30.06 -36.55
N TYR B 253 -1.56 29.45 -35.58
CA TYR B 253 -0.11 29.58 -35.49
C TYR B 253 0.69 28.58 -36.32
N GLN B 254 0.17 27.37 -36.52
CA GLN B 254 0.84 26.29 -37.30
C GLN B 254 2.32 26.13 -36.87
N PRO B 255 2.56 25.84 -35.57
CA PRO B 255 3.94 25.66 -35.10
C PRO B 255 4.53 24.35 -35.67
N SER B 256 5.85 24.24 -35.71
CA SER B 256 6.42 22.98 -36.20
C SER B 256 7.05 22.16 -35.07
N ALA B 257 7.03 22.69 -33.83
CA ALA B 257 7.52 21.93 -32.67
C ALA B 257 6.76 22.48 -31.46
N VAL B 258 6.61 21.65 -30.45
CA VAL B 258 5.84 22.05 -29.25
C VAL B 258 6.64 21.69 -28.02
N VAL B 259 6.57 22.58 -27.00
CA VAL B 259 7.18 22.35 -25.68
C VAL B 259 5.99 22.40 -24.69
N LEU B 260 5.79 21.34 -23.89
CA LEU B 260 4.67 21.28 -22.95
C LEU B 260 5.26 21.15 -21.54
N GLN B 261 5.03 22.16 -20.71
CA GLN B 261 5.48 22.14 -19.31
C GLN B 261 4.31 21.51 -18.54
N CYS B 262 4.59 20.39 -17.82
CA CYS B 262 3.59 19.59 -17.14
C CYS B 262 3.63 19.73 -15.64
N GLY B 263 3.82 20.95 -15.13
CA GLY B 263 3.86 21.19 -13.68
C GLY B 263 2.66 20.52 -13.02
N ALA B 264 2.92 19.68 -12.00
CA ALA B 264 1.91 18.87 -11.33
C ALA B 264 1.26 19.55 -10.13
N ASP B 265 1.55 20.84 -9.94
CA ASP B 265 0.97 21.58 -8.84
C ASP B 265 -0.44 22.04 -9.16
N SER B 266 -0.94 21.70 -10.37
CA SER B 266 -2.31 21.97 -10.77
C SER B 266 -3.23 20.79 -10.32
N LEU B 267 -2.65 19.78 -9.65
CA LEU B 267 -3.43 18.63 -9.21
C LEU B 267 -4.13 18.90 -7.92
N SER B 268 -5.28 18.24 -7.75
CA SER B 268 -6.02 18.26 -6.51
C SER B 268 -5.09 17.84 -5.35
N GLY B 269 -5.16 18.57 -4.23
CA GLY B 269 -4.38 18.21 -3.05
C GLY B 269 -2.94 18.64 -3.02
N ASP B 270 -2.53 19.44 -4.01
CA ASP B 270 -1.16 19.91 -3.99
C ASP B 270 -0.91 20.80 -2.77
N ARG B 271 0.25 20.65 -2.16
CA ARG B 271 0.63 21.44 -1.00
C ARG B 271 0.55 22.96 -1.21
N LEU B 272 0.90 23.44 -2.40
N LEU B 272 0.95 23.43 -2.42
CA LEU B 272 0.86 24.88 -2.65
CA LEU B 272 1.01 24.84 -2.79
C LEU B 272 -0.31 25.30 -3.55
C LEU B 272 -0.11 25.32 -3.72
N GLY B 273 -0.75 24.39 -4.41
CA GLY B 273 -1.81 24.65 -5.38
C GLY B 273 -3.23 24.63 -4.83
N CYS B 274 -4.15 25.21 -5.60
CA CYS B 274 -5.56 25.33 -5.23
C CYS B 274 -6.49 24.87 -6.35
N PHE B 275 -5.99 24.01 -7.28
CA PHE B 275 -6.84 23.45 -8.32
C PHE B 275 -7.35 22.07 -7.86
N ASN B 276 -8.24 21.49 -8.67
CA ASN B 276 -8.85 20.23 -8.34
C ASN B 276 -8.84 19.24 -9.48
N LEU B 277 -7.72 19.19 -10.23
CA LEU B 277 -7.59 18.24 -11.34
C LEU B 277 -7.12 16.88 -10.83
N THR B 278 -7.53 15.83 -11.52
CA THR B 278 -7.03 14.50 -11.21
C THR B 278 -5.82 14.26 -12.14
N VAL B 279 -5.14 13.09 -11.97
CA VAL B 279 -4.06 12.72 -12.87
C VAL B 279 -4.61 12.54 -14.29
N LYS B 280 -5.81 11.95 -14.41
CA LYS B 280 -6.41 11.79 -15.74
C LYS B 280 -6.71 13.14 -16.40
N GLY B 281 -7.19 14.12 -15.61
CA GLY B 281 -7.53 15.43 -16.15
C GLY B 281 -6.30 16.21 -16.59
N HIS B 282 -5.22 16.07 -15.84
CA HIS B 282 -3.96 16.74 -16.17
C HIS B 282 -3.39 16.03 -17.43
N ALA B 283 -3.36 14.68 -17.42
CA ALA B 283 -2.81 13.90 -18.56
C ALA B 283 -3.59 14.08 -19.88
N LYS B 284 -4.87 14.47 -19.77
CA LYS B 284 -5.67 14.68 -20.99
C LYS B 284 -4.99 15.75 -21.83
N CYS B 285 -4.30 16.71 -21.18
CA CYS B 285 -3.58 17.77 -21.89
C CYS B 285 -2.49 17.17 -22.77
N VAL B 286 -1.77 16.16 -22.26
CA VAL B 286 -0.73 15.53 -23.06
C VAL B 286 -1.39 14.85 -24.25
N GLU B 287 -2.50 14.12 -24.00
CA GLU B 287 -3.19 13.40 -25.06
C GLU B 287 -3.60 14.39 -26.17
N VAL B 288 -4.22 15.53 -25.81
CA VAL B 288 -4.65 16.53 -26.81
C VAL B 288 -3.47 17.04 -27.62
N VAL B 289 -2.36 17.40 -26.92
CA VAL B 289 -1.19 17.92 -27.66
C VAL B 289 -0.63 16.88 -28.63
N LYS B 290 -0.60 15.60 -28.22
CA LYS B 290 -0.09 14.52 -29.09
C LYS B 290 -0.90 14.33 -30.39
N THR B 291 -2.22 14.65 -30.39
CA THR B 291 -3.05 14.49 -31.61
C THR B 291 -2.55 15.33 -32.80
N PHE B 292 -1.76 16.38 -32.55
CA PHE B 292 -1.26 17.27 -33.60
C PHE B 292 -0.01 16.69 -34.31
N ASN B 293 0.52 15.57 -33.81
CA ASN B 293 1.64 14.85 -34.45
C ASN B 293 2.84 15.73 -34.76
N LEU B 294 3.20 16.59 -33.79
CA LEU B 294 4.34 17.45 -33.93
C LEU B 294 5.43 17.04 -32.95
N PRO B 295 6.71 17.29 -33.30
CA PRO B 295 7.81 17.02 -32.35
C PRO B 295 7.46 17.67 -31.02
N LEU B 296 7.59 16.91 -29.94
CA LEU B 296 7.14 17.39 -28.63
C LEU B 296 8.15 17.15 -27.52
N LEU B 297 8.48 18.23 -26.77
CA LEU B 297 9.36 18.14 -25.63
C LEU B 297 8.45 18.31 -24.40
N MET B 298 8.37 17.27 -23.53
CA MET B 298 7.57 17.28 -22.31
CA MET B 298 7.57 17.25 -22.31
C MET B 298 8.51 17.50 -21.11
N LEU B 299 8.20 18.52 -20.29
CA LEU B 299 9.02 18.88 -19.14
C LEU B 299 8.21 18.86 -17.86
N GLY B 300 8.93 18.80 -16.74
CA GLY B 300 8.31 18.83 -15.42
C GLY B 300 7.96 20.27 -15.04
N GLY B 301 8.14 20.58 -13.77
CA GLY B 301 7.82 21.92 -13.27
C GLY B 301 7.46 21.77 -11.79
N GLY B 302 6.45 22.49 -11.35
CA GLY B 302 6.04 22.41 -9.96
C GLY B 302 5.40 21.06 -9.61
N GLY B 303 4.99 20.93 -8.35
CA GLY B 303 4.38 19.71 -7.85
C GLY B 303 4.99 19.51 -6.48
N TYR B 304 4.15 19.68 -5.45
CA TYR B 304 4.61 19.72 -4.06
C TYR B 304 4.01 18.66 -3.13
N THR B 305 3.08 17.79 -3.62
CA THR B 305 2.57 16.62 -2.86
C THR B 305 3.25 15.51 -3.67
N ILE B 306 4.47 15.12 -3.23
CA ILE B 306 5.34 14.31 -4.07
C ILE B 306 4.79 12.95 -4.49
N ARG B 307 3.94 12.29 -3.67
CA ARG B 307 3.36 11.02 -4.16
C ARG B 307 2.49 11.28 -5.39
N ASN B 308 1.76 12.42 -5.44
CA ASN B 308 0.89 12.76 -6.57
C ASN B 308 1.68 13.18 -7.78
N VAL B 309 2.84 13.81 -7.56
CA VAL B 309 3.74 14.20 -8.67
C VAL B 309 4.24 12.91 -9.34
N ALA B 310 4.71 11.94 -8.54
CA ALA B 310 5.20 10.67 -9.10
C ALA B 310 4.07 9.98 -9.91
N ARG B 311 2.84 9.96 -9.35
CA ARG B 311 1.73 9.33 -10.09
C ARG B 311 1.52 10.05 -11.42
N CYS B 312 1.49 11.38 -11.36
CA CYS B 312 1.20 12.19 -12.51
C CYS B 312 2.18 11.98 -13.65
N TRP B 313 3.46 12.16 -13.34
CA TRP B 313 4.47 12.04 -14.40
C TRP B 313 4.66 10.58 -14.88
N THR B 314 4.42 9.59 -14.01
CA THR B 314 4.47 8.20 -14.46
C THR B 314 3.32 8.02 -15.47
N TYR B 315 2.09 8.48 -15.11
CA TYR B 315 0.99 8.30 -16.04
C TYR B 315 1.23 9.03 -17.36
N GLU B 316 1.78 10.26 -17.30
CA GLU B 316 2.02 11.05 -18.51
C GLU B 316 3.08 10.39 -19.39
N THR B 317 4.07 9.71 -18.76
CA THR B 317 5.09 9.02 -19.57
C THR B 317 4.35 7.84 -20.29
N ALA B 318 3.43 7.13 -19.58
CA ALA B 318 2.66 6.05 -20.21
C ALA B 318 1.83 6.64 -21.36
N VAL B 319 1.22 7.84 -21.17
CA VAL B 319 0.44 8.47 -22.25
C VAL B 319 1.38 8.75 -23.46
N ALA B 320 2.57 9.27 -23.20
CA ALA B 320 3.53 9.55 -24.30
C ALA B 320 3.83 8.27 -25.08
N LEU B 321 3.91 7.15 -24.36
CA LEU B 321 4.25 5.82 -24.93
C LEU B 321 3.03 5.14 -25.54
N ASP B 322 1.84 5.77 -25.43
CA ASP B 322 0.61 5.19 -25.96
C ASP B 322 0.32 3.83 -25.32
N CYS B 323 0.42 3.75 -24.02
N CYS B 323 0.62 3.72 -23.98
CA CYS B 323 0.05 2.49 -23.43
CA CYS B 323 0.49 2.53 -23.11
C CYS B 323 -0.73 2.80 -22.18
C CYS B 323 -0.47 2.73 -21.94
N GLU B 324 -1.40 1.79 -21.66
CA GLU B 324 -2.18 1.96 -20.45
C GLU B 324 -1.40 1.18 -19.39
N ILE B 325 -1.60 1.57 -18.15
CA ILE B 325 -0.97 0.94 -17.00
C ILE B 325 -2.03 0.74 -15.96
N PRO B 326 -1.93 -0.32 -15.15
CA PRO B 326 -2.99 -0.56 -14.16
C PRO B 326 -3.04 0.47 -13.05
N ASN B 327 -4.22 0.62 -12.44
CA ASN B 327 -4.37 1.51 -11.32
C ASN B 327 -3.68 0.95 -10.09
N GLU B 328 -3.55 -0.37 -9.99
CA GLU B 328 -2.87 -1.02 -8.87
C GLU B 328 -1.38 -0.68 -8.99
N LEU B 329 -0.80 0.04 -8.01
CA LEU B 329 0.62 0.37 -8.12
C LEU B 329 1.48 -0.88 -7.97
N PRO B 330 2.56 -1.01 -8.76
CA PRO B 330 3.47 -2.13 -8.57
C PRO B 330 4.33 -1.84 -7.33
N TYR B 331 4.90 -2.89 -6.74
CA TYR B 331 5.79 -2.63 -5.62
C TYR B 331 6.97 -1.80 -6.16
N ASN B 332 7.52 -0.91 -5.32
CA ASN B 332 8.61 -0.04 -5.72
C ASN B 332 9.35 0.43 -4.47
N ASP B 333 10.48 1.12 -4.69
CA ASP B 333 11.31 1.58 -3.57
C ASP B 333 10.64 2.53 -2.59
N TYR B 334 9.56 3.20 -3.03
CA TYR B 334 8.86 4.20 -2.19
C TYR B 334 7.40 3.79 -1.99
N PHE B 335 7.12 2.47 -2.00
CA PHE B 335 5.75 1.99 -1.93
C PHE B 335 4.93 2.60 -0.82
N GLU B 336 5.53 2.70 0.41
CA GLU B 336 4.83 3.26 1.56
C GLU B 336 4.39 4.73 1.37
N TYR B 337 5.00 5.46 0.41
CA TYR B 337 4.58 6.85 0.24
C TYR B 337 3.20 6.96 -0.41
N PHE B 338 2.73 5.86 -1.03
CA PHE B 338 1.49 5.88 -1.79
C PHE B 338 0.29 5.38 -1.04
N GLY B 339 0.41 5.21 0.27
CA GLY B 339 -0.74 4.83 1.05
C GLY B 339 -1.68 6.04 1.18
N PRO B 340 -2.92 5.81 1.64
CA PRO B 340 -3.45 4.53 2.13
C PRO B 340 -3.96 3.53 1.10
N ASP B 341 -4.16 4.02 -0.15
CA ASP B 341 -4.77 3.26 -1.24
C ASP B 341 -3.81 2.49 -2.17
N PHE B 342 -2.57 2.97 -2.35
CA PHE B 342 -1.59 2.33 -3.24
C PHE B 342 -2.14 2.21 -4.68
N LYS B 343 -2.87 3.25 -5.11
CA LYS B 343 -3.41 3.31 -6.49
C LYS B 343 -2.69 4.43 -7.24
N LEU B 344 -2.71 4.37 -8.57
CA LEU B 344 -2.05 5.38 -9.39
C LEU B 344 -2.93 6.62 -9.47
N HIS B 345 -4.24 6.41 -9.67
CA HIS B 345 -5.13 7.54 -9.90
C HIS B 345 -5.66 8.14 -8.61
N ILE B 346 -5.96 9.46 -8.67
CA ILE B 346 -6.44 10.20 -7.50
C ILE B 346 -7.86 10.71 -7.74
N SER B 347 -8.59 10.92 -6.64
CA SER B 347 -9.94 11.43 -6.73
C SER B 347 -9.92 12.92 -6.45
N PRO B 348 -10.87 13.68 -7.04
CA PRO B 348 -10.91 15.13 -6.75
C PRO B 348 -11.50 15.34 -5.34
N SER B 349 -11.31 16.53 -4.78
CA SER B 349 -11.87 16.86 -3.46
C SER B 349 -13.23 17.50 -3.65
N ASN B 350 -13.88 17.86 -2.52
CA ASN B 350 -15.19 18.52 -2.54
C ASN B 350 -15.02 20.05 -2.65
N MET B 351 -13.79 20.54 -2.93
CA MET B 351 -13.62 22.00 -3.01
C MET B 351 -14.50 22.64 -4.09
N THR B 352 -15.01 23.87 -3.83
CA THR B 352 -15.85 24.54 -4.78
C THR B 352 -15.00 24.97 -5.99
N ASN B 353 -15.58 24.79 -7.18
CA ASN B 353 -14.96 25.24 -8.41
C ASN B 353 -15.45 26.69 -8.58
N GLN B 354 -14.55 27.66 -8.32
CA GLN B 354 -14.92 29.09 -8.42
C GLN B 354 -14.99 29.59 -9.88
N ASN B 355 -14.59 28.75 -10.86
CA ASN B 355 -14.63 29.10 -12.28
C ASN B 355 -15.99 28.72 -12.77
N THR B 356 -16.90 29.70 -12.78
CA THR B 356 -18.25 29.38 -13.26
C THR B 356 -18.24 29.06 -14.75
N PRO B 357 -19.26 28.34 -15.28
CA PRO B 357 -19.30 28.07 -16.72
C PRO B 357 -19.28 29.34 -17.56
N GLU B 358 -19.96 30.41 -17.07
CA GLU B 358 -20.00 31.66 -17.83
C GLU B 358 -18.65 32.36 -17.83
N TYR B 359 -17.93 32.30 -16.68
CA TYR B 359 -16.59 32.89 -16.58
C TYR B 359 -15.69 32.18 -17.61
N MET B 360 -15.72 30.83 -17.63
CA MET B 360 -14.85 30.09 -18.56
C MET B 360 -15.12 30.41 -20.01
N GLU B 361 -16.43 30.48 -20.37
CA GLU B 361 -16.80 30.78 -21.74
C GLU B 361 -16.45 32.20 -22.17
N LYS B 362 -16.61 33.16 -21.25
CA LYS B 362 -16.30 34.56 -21.51
C LYS B 362 -14.80 34.76 -21.74
N ILE B 363 -13.96 34.09 -20.92
CA ILE B 363 -12.50 34.22 -21.10
C ILE B 363 -12.12 33.52 -22.40
N LYS B 364 -12.72 32.33 -22.67
CA LYS B 364 -12.44 31.61 -23.91
C LYS B 364 -12.78 32.47 -25.13
N GLN B 365 -13.90 33.21 -25.08
CA GLN B 365 -14.31 34.09 -26.19
C GLN B 365 -13.32 35.23 -26.36
N ARG B 366 -12.87 35.85 -25.25
CA ARG B 366 -11.90 36.96 -25.32
C ARG B 366 -10.57 36.44 -25.92
N LEU B 367 -10.14 35.21 -25.55
CA LEU B 367 -8.92 34.63 -26.14
C LEU B 367 -9.10 34.32 -27.62
N PHE B 368 -10.30 33.82 -28.01
N PHE B 368 -10.29 33.81 -28.02
CA PHE B 368 -10.58 33.51 -29.42
CA PHE B 368 -10.54 33.51 -29.43
C PHE B 368 -10.47 34.78 -30.27
C PHE B 368 -10.45 34.79 -30.28
N GLU B 369 -10.89 35.94 -29.72
CA GLU B 369 -10.83 37.26 -30.40
C GLU B 369 -9.37 37.63 -30.67
N ASN B 370 -8.49 37.38 -29.69
CA ASN B 370 -7.07 37.65 -29.85
C ASN B 370 -6.45 36.68 -30.84
N LEU B 371 -6.85 35.41 -30.81
CA LEU B 371 -6.28 34.42 -31.73
C LEU B 371 -6.68 34.72 -33.17
N ARG B 372 -7.87 35.31 -33.36
CA ARG B 372 -8.34 35.67 -34.72
C ARG B 372 -7.52 36.81 -35.32
N MET B 373 -6.79 37.58 -34.49
CA MET B 373 -5.92 38.70 -34.89
C MET B 373 -4.56 38.24 -35.43
N LEU B 374 -4.26 36.93 -35.36
CA LEU B 374 -2.98 36.41 -35.88
C LEU B 374 -2.99 36.39 -37.42
N LYS C 9 -41.35 14.33 5.44
CA LYS C 9 -40.39 15.44 5.47
C LYS C 9 -38.99 15.00 5.01
N LYS C 10 -38.52 13.81 5.44
CA LYS C 10 -37.22 13.25 5.07
C LYS C 10 -37.37 12.57 3.70
N LYS C 11 -36.53 13.00 2.73
CA LYS C 11 -36.57 12.47 1.36
C LYS C 11 -35.86 11.11 1.28
N VAL C 12 -36.47 10.16 0.54
CA VAL C 12 -35.95 8.81 0.33
C VAL C 12 -35.78 8.56 -1.17
N CYS C 13 -34.53 8.26 -1.61
CA CYS C 13 -34.22 7.91 -3.00
C CYS C 13 -34.02 6.42 -3.02
N TYR C 14 -34.58 5.76 -4.03
CA TYR C 14 -34.56 4.30 -4.17
C TYR C 14 -33.94 3.90 -5.49
N TYR C 15 -32.94 2.97 -5.43
CA TYR C 15 -32.20 2.50 -6.60
C TYR C 15 -32.57 1.10 -6.94
N TYR C 16 -33.00 0.90 -8.18
CA TYR C 16 -33.44 -0.42 -8.60
C TYR C 16 -33.35 -0.56 -10.09
N ASP C 17 -32.85 -1.70 -10.56
CA ASP C 17 -32.81 -1.99 -11.99
C ASP C 17 -33.69 -3.20 -12.19
N GLY C 18 -34.68 -3.07 -13.07
CA GLY C 18 -35.64 -4.12 -13.41
C GLY C 18 -35.09 -5.46 -13.84
N ASP C 19 -33.81 -5.50 -14.27
CA ASP C 19 -33.15 -6.72 -14.70
C ASP C 19 -32.43 -7.49 -13.56
N ILE C 20 -32.23 -6.83 -12.39
CA ILE C 20 -31.50 -7.45 -11.26
C ILE C 20 -32.06 -8.83 -10.86
N GLY C 21 -33.39 -8.98 -10.87
CA GLY C 21 -34.02 -10.23 -10.49
C GLY C 21 -33.77 -11.42 -11.40
N ASN C 22 -33.24 -11.17 -12.64
CA ASN C 22 -32.97 -12.23 -13.62
C ASN C 22 -31.57 -12.88 -13.48
N TYR C 23 -30.66 -12.30 -12.68
CA TYR C 23 -29.35 -12.93 -12.48
C TYR C 23 -29.54 -14.18 -11.64
N TYR C 24 -28.89 -15.27 -12.05
CA TYR C 24 -29.06 -16.55 -11.42
C TYR C 24 -27.76 -17.20 -11.04
N TYR C 25 -27.54 -17.41 -9.74
CA TYR C 25 -26.29 -18.02 -9.27
C TYR C 25 -26.11 -19.50 -9.61
N GLY C 26 -27.19 -20.16 -10.02
CA GLY C 26 -27.13 -21.58 -10.37
C GLY C 26 -28.02 -22.44 -9.50
N GLN C 27 -28.36 -23.66 -9.99
CA GLN C 27 -29.20 -24.65 -9.31
C GLN C 27 -28.68 -24.97 -7.91
N GLY C 28 -29.56 -24.82 -6.91
CA GLY C 28 -29.25 -25.10 -5.52
C GLY C 28 -28.50 -24.01 -4.76
N HIS C 29 -27.99 -22.97 -5.47
CA HIS C 29 -27.26 -21.90 -4.76
C HIS C 29 -28.22 -21.07 -3.93
N PRO C 30 -27.92 -20.85 -2.63
CA PRO C 30 -28.87 -20.08 -1.79
C PRO C 30 -29.03 -18.61 -2.15
N MET C 31 -28.04 -17.95 -2.83
CA MET C 31 -28.19 -16.53 -3.16
C MET C 31 -29.11 -16.38 -4.35
N LYS C 32 -30.24 -15.66 -4.14
CA LYS C 32 -31.27 -15.50 -5.18
C LYS C 32 -31.61 -14.05 -5.47
N PRO C 33 -31.01 -13.43 -6.51
CA PRO C 33 -31.32 -12.03 -6.83
C PRO C 33 -32.81 -11.77 -7.08
N HIS C 34 -33.60 -12.82 -7.37
CA HIS C 34 -35.05 -12.69 -7.55
C HIS C 34 -35.69 -12.10 -6.27
N ARG C 35 -35.06 -12.29 -5.08
CA ARG C 35 -35.58 -11.70 -3.84
C ARG C 35 -35.70 -10.16 -3.91
N ILE C 36 -34.85 -9.48 -4.73
N ILE C 36 -34.85 -9.47 -4.71
CA ILE C 36 -34.87 -8.02 -4.87
CA ILE C 36 -34.89 -8.01 -4.83
C ILE C 36 -36.12 -7.61 -5.65
C ILE C 36 -36.13 -7.61 -5.64
N ARG C 37 -36.48 -8.41 -6.66
CA ARG C 37 -37.67 -8.17 -7.50
C ARG C 37 -38.92 -8.42 -6.65
N MET C 38 -38.91 -9.48 -5.81
CA MET C 38 -40.03 -9.77 -4.90
C MET C 38 -40.22 -8.59 -3.94
N THR C 39 -39.09 -8.05 -3.40
CA THR C 39 -39.15 -6.90 -2.51
C THR C 39 -39.78 -5.70 -3.22
N HIS C 40 -39.29 -5.40 -4.43
CA HIS C 40 -39.72 -4.27 -5.25
C HIS C 40 -41.23 -4.32 -5.51
N ASN C 41 -41.70 -5.48 -5.96
CA ASN C 41 -43.11 -5.66 -6.27
C ASN C 41 -44.00 -5.50 -5.03
N LEU C 42 -43.55 -5.99 -3.86
CA LEU C 42 -44.32 -5.84 -2.62
C LEU C 42 -44.40 -4.34 -2.23
N LEU C 43 -43.27 -3.60 -2.34
CA LEU C 43 -43.18 -2.16 -2.05
C LEU C 43 -44.11 -1.36 -2.93
N LEU C 44 -44.13 -1.70 -4.22
CA LEU C 44 -44.93 -1.06 -5.25
C LEU C 44 -46.41 -1.21 -4.89
N ASN C 45 -46.83 -2.46 -4.58
CA ASN C 45 -48.22 -2.79 -4.24
C ASN C 45 -48.69 -2.22 -2.89
N TYR C 46 -47.76 -1.84 -2.00
CA TYR C 46 -48.11 -1.24 -0.71
C TYR C 46 -48.25 0.28 -0.88
N GLY C 47 -47.86 0.80 -2.05
CA GLY C 47 -47.91 2.21 -2.39
C GLY C 47 -46.70 3.01 -1.94
N LEU C 48 -45.61 2.31 -1.56
CA LEU C 48 -44.37 2.93 -1.07
C LEU C 48 -43.50 3.49 -2.20
N TYR C 49 -43.47 2.80 -3.34
CA TYR C 49 -42.73 3.18 -4.55
C TYR C 49 -43.07 4.62 -4.96
N ARG C 50 -44.36 4.97 -4.94
CA ARG C 50 -44.91 6.28 -5.29
C ARG C 50 -44.39 7.40 -4.38
N LYS C 51 -44.05 7.07 -3.11
CA LYS C 51 -43.58 8.02 -2.10
C LYS C 51 -42.07 8.32 -2.15
N MET C 52 -41.33 7.63 -3.04
CA MET C 52 -39.87 7.79 -3.18
C MET C 52 -39.47 8.30 -4.54
N GLU C 53 -38.25 8.87 -4.65
CA GLU C 53 -37.69 9.30 -5.92
C GLU C 53 -37.03 8.03 -6.43
N ILE C 54 -37.49 7.53 -7.57
CA ILE C 54 -37.00 6.27 -8.17
C ILE C 54 -35.90 6.48 -9.19
N TYR C 55 -34.80 5.72 -9.05
CA TYR C 55 -33.69 5.81 -9.99
C TYR C 55 -33.24 4.44 -10.44
N ARG C 56 -32.97 4.32 -11.75
CA ARG C 56 -32.43 3.10 -12.34
C ARG C 56 -30.91 3.41 -12.29
N PRO C 57 -30.11 2.66 -11.52
CA PRO C 57 -28.69 3.01 -11.40
C PRO C 57 -27.87 2.75 -12.66
N HIS C 58 -26.93 3.62 -12.99
CA HIS C 58 -26.04 3.40 -14.12
C HIS C 58 -25.07 2.32 -13.65
N LYS C 59 -24.70 1.39 -14.54
CA LYS C 59 -23.75 0.31 -14.27
C LYS C 59 -22.41 0.93 -13.84
N ALA C 60 -21.83 0.45 -12.71
CA ALA C 60 -20.53 0.94 -12.25
C ALA C 60 -19.48 0.51 -13.27
N THR C 61 -18.52 1.37 -13.62
CA THR C 61 -17.53 0.92 -14.60
C THR C 61 -16.43 0.12 -13.92
N ALA C 62 -15.68 -0.66 -14.73
CA ALA C 62 -14.53 -1.42 -14.28
C ALA C 62 -13.54 -0.45 -13.59
N GLU C 63 -13.40 0.79 -14.15
CA GLU C 63 -12.53 1.83 -13.62
C GLU C 63 -12.99 2.27 -12.23
N GLU C 64 -14.30 2.43 -12.02
CA GLU C 64 -14.83 2.82 -10.72
C GLU C 64 -14.47 1.69 -9.75
N MET C 65 -14.62 0.42 -10.17
CA MET C 65 -14.33 -0.69 -9.26
C MET C 65 -12.88 -0.77 -8.84
N THR C 66 -11.93 -0.39 -9.74
CA THR C 66 -10.51 -0.44 -9.38
C THR C 66 -10.06 0.68 -8.42
N LYS C 67 -11.00 1.56 -7.94
CA LYS C 67 -10.64 2.54 -6.93
C LYS C 67 -10.32 1.73 -5.67
N TYR C 68 -10.87 0.47 -5.59
CA TYR C 68 -10.59 -0.42 -4.45
C TYR C 68 -10.00 -1.77 -4.88
N HIS C 69 -10.71 -2.48 -5.78
CA HIS C 69 -10.27 -3.82 -6.19
C HIS C 69 -9.06 -3.77 -7.09
N SER C 70 -8.33 -4.87 -7.16
CA SER C 70 -7.13 -4.86 -8.04
C SER C 70 -7.56 -4.94 -9.51
N ASP C 71 -6.72 -4.41 -10.43
CA ASP C 71 -7.04 -4.48 -11.85
C ASP C 71 -7.15 -5.90 -12.34
N GLU C 72 -6.23 -6.81 -11.91
CA GLU C 72 -6.25 -8.20 -12.37
C GLU C 72 -7.53 -8.89 -11.95
N TYR C 73 -8.00 -8.62 -10.71
CA TYR C 73 -9.24 -9.22 -10.22
C TYR C 73 -10.47 -8.75 -11.06
N ILE C 74 -10.58 -7.42 -11.28
CA ILE C 74 -11.69 -6.89 -12.05
C ILE C 74 -11.63 -7.39 -13.49
N LYS C 75 -10.41 -7.45 -14.07
CA LYS C 75 -10.26 -7.97 -15.46
C LYS C 75 -10.75 -9.41 -15.52
N PHE C 76 -10.45 -10.21 -14.49
CA PHE C 76 -10.91 -11.60 -14.42
C PHE C 76 -12.44 -11.64 -14.36
N LEU C 77 -13.08 -10.82 -13.49
CA LEU C 77 -14.55 -10.80 -13.38
C LEU C 77 -15.20 -10.42 -14.69
N ARG C 78 -14.55 -9.52 -15.46
CA ARG C 78 -15.08 -9.06 -16.76
C ARG C 78 -14.92 -10.12 -17.85
N SER C 79 -13.94 -11.01 -17.71
CA SER C 79 -13.57 -12.00 -18.72
C SER C 79 -14.13 -13.40 -18.53
N ILE C 80 -14.26 -13.86 -17.28
CA ILE C 80 -14.72 -15.21 -17.00
C ILE C 80 -16.16 -15.46 -17.47
N ARG C 81 -16.41 -16.65 -18.02
CA ARG C 81 -17.73 -17.04 -18.50
C ARG C 81 -17.92 -18.52 -18.15
N PRO C 82 -19.17 -19.00 -17.97
CA PRO C 82 -19.34 -20.43 -17.68
C PRO C 82 -18.69 -21.35 -18.73
N ASP C 83 -18.66 -20.91 -20.01
CA ASP C 83 -18.09 -21.76 -21.06
C ASP C 83 -16.59 -21.56 -21.33
N ASN C 84 -15.88 -20.74 -20.53
CA ASN C 84 -14.44 -20.53 -20.77
C ASN C 84 -13.58 -20.81 -19.52
N MET C 85 -14.18 -21.34 -18.45
CA MET C 85 -13.50 -21.63 -17.16
C MET C 85 -12.19 -22.41 -17.26
N SER C 86 -12.05 -23.33 -18.26
CA SER C 86 -10.81 -24.12 -18.44
C SER C 86 -9.60 -23.25 -18.78
N GLU C 87 -9.84 -22.07 -19.39
CA GLU C 87 -8.79 -21.11 -19.76
C GLU C 87 -8.36 -20.29 -18.52
N TYR C 88 -9.14 -20.35 -17.41
CA TYR C 88 -8.91 -19.54 -16.21
C TYR C 88 -8.76 -20.33 -14.90
N SER C 89 -8.34 -21.61 -14.95
CA SER C 89 -8.19 -22.43 -13.76
C SER C 89 -7.30 -21.80 -12.67
N LYS C 90 -6.14 -21.26 -13.07
CA LYS C 90 -5.22 -20.62 -12.12
C LYS C 90 -5.87 -19.37 -11.48
N GLN C 91 -6.48 -18.48 -12.31
CA GLN C 91 -7.12 -17.27 -11.79
C GLN C 91 -8.32 -17.56 -10.89
N MET C 92 -9.08 -18.64 -11.16
CA MET C 92 -10.21 -18.99 -10.29
C MET C 92 -9.68 -19.32 -8.87
N GLN C 93 -8.55 -20.02 -8.79
CA GLN C 93 -7.95 -20.35 -7.50
C GLN C 93 -7.42 -19.05 -6.82
N ARG C 94 -6.74 -18.19 -7.61
CA ARG C 94 -6.17 -16.92 -7.09
C ARG C 94 -7.25 -16.01 -6.54
N PHE C 95 -8.42 -15.97 -7.21
CA PHE C 95 -9.49 -15.03 -6.89
C PHE C 95 -10.68 -15.66 -6.13
N ASN C 96 -10.55 -16.95 -5.75
CA ASN C 96 -11.59 -17.67 -4.97
C ASN C 96 -12.94 -17.70 -5.63
N VAL C 97 -12.93 -17.96 -6.96
CA VAL C 97 -14.17 -18.05 -7.74
C VAL C 97 -14.36 -19.49 -8.22
N GLY C 98 -15.53 -20.08 -7.91
CA GLY C 98 -15.88 -21.44 -8.30
C GLY C 98 -16.62 -22.30 -7.28
N GLU C 99 -16.50 -21.97 -5.97
CA GLU C 99 -17.12 -22.70 -4.86
C GLU C 99 -18.40 -21.98 -4.36
N ASP C 100 -18.30 -21.19 -3.27
CA ASP C 100 -19.38 -20.37 -2.72
C ASP C 100 -19.70 -19.27 -3.75
N CYS C 101 -18.70 -18.86 -4.57
CA CYS C 101 -18.85 -17.79 -5.54
C CYS C 101 -18.70 -18.35 -6.94
N PRO C 102 -19.81 -18.85 -7.50
CA PRO C 102 -19.74 -19.47 -8.83
C PRO C 102 -19.60 -18.49 -9.99
N VAL C 103 -19.26 -19.04 -11.14
CA VAL C 103 -19.22 -18.27 -12.36
C VAL C 103 -20.62 -18.47 -12.95
N PHE C 104 -21.35 -17.39 -13.21
CA PHE C 104 -22.68 -17.44 -13.82
C PHE C 104 -22.84 -16.41 -14.93
N ASP C 105 -23.84 -16.62 -15.83
CA ASP C 105 -24.11 -15.69 -16.92
C ASP C 105 -24.43 -14.28 -16.42
N GLY C 106 -23.72 -13.29 -16.95
CA GLY C 106 -23.94 -11.89 -16.59
C GLY C 106 -23.39 -11.49 -15.23
N LEU C 107 -22.48 -12.32 -14.66
CA LEU C 107 -21.83 -12.05 -13.37
C LEU C 107 -21.32 -10.60 -13.26
N PHE C 108 -20.54 -10.16 -14.27
CA PHE C 108 -20.01 -8.80 -14.25
C PHE C 108 -21.08 -7.73 -14.22
N GLU C 109 -22.12 -7.88 -15.06
CA GLU C 109 -23.22 -6.93 -15.13
C GLU C 109 -23.94 -6.88 -13.77
N PHE C 110 -24.12 -8.06 -13.12
CA PHE C 110 -24.75 -8.11 -11.80
C PHE C 110 -23.95 -7.25 -10.83
N CYS C 111 -22.61 -7.42 -10.83
CA CYS C 111 -21.71 -6.60 -9.99
C CYS C 111 -21.84 -5.12 -10.31
N GLN C 112 -21.96 -4.79 -11.61
CA GLN C 112 -22.08 -3.41 -12.06
C GLN C 112 -23.34 -2.72 -11.56
N LEU C 113 -24.45 -3.45 -11.53
CA LEU C 113 -25.76 -2.90 -11.11
C LEU C 113 -25.83 -2.79 -9.61
N SER C 114 -25.37 -3.85 -8.90
CA SER C 114 -25.31 -3.89 -7.44
C SER C 114 -24.50 -2.66 -6.94
N THR C 115 -23.27 -2.47 -7.50
CA THR C 115 -22.34 -1.39 -7.17
C THR C 115 -22.88 -0.04 -7.59
N GLY C 116 -23.41 0.02 -8.82
CA GLY C 116 -23.97 1.24 -9.38
C GLY C 116 -24.97 1.93 -8.47
N GLY C 117 -25.88 1.14 -7.89
CA GLY C 117 -26.87 1.67 -6.96
C GLY C 117 -26.27 2.25 -5.69
N SER C 118 -25.27 1.54 -5.11
CA SER C 118 -24.64 2.01 -3.87
C SER C 118 -23.85 3.29 -4.07
N VAL C 119 -23.04 3.36 -5.15
CA VAL C 119 -22.25 4.54 -5.44
C VAL C 119 -23.17 5.73 -5.78
N ALA C 120 -24.22 5.49 -6.62
CA ALA C 120 -25.18 6.56 -6.99
C ALA C 120 -25.86 7.12 -5.74
N GLY C 121 -26.19 6.23 -4.79
CA GLY C 121 -26.80 6.64 -3.52
C GLY C 121 -25.87 7.54 -2.75
N ALA C 122 -24.59 7.15 -2.66
CA ALA C 122 -23.57 7.95 -1.95
C ALA C 122 -23.42 9.32 -2.61
N VAL C 123 -23.41 9.38 -3.95
CA VAL C 123 -23.29 10.65 -4.69
C VAL C 123 -24.49 11.55 -4.34
N LYS C 124 -25.69 10.97 -4.34
CA LYS C 124 -26.93 11.68 -4.04
C LYS C 124 -26.90 12.30 -2.64
N LEU C 125 -26.35 11.57 -1.66
CA LEU C 125 -26.21 12.05 -0.28
C LEU C 125 -25.15 13.14 -0.21
N ASN C 126 -24.03 12.95 -0.96
CA ASN C 126 -22.91 13.90 -1.01
C ASN C 126 -23.41 15.27 -1.51
N ARG C 127 -24.26 15.25 -2.56
CA ARG C 127 -24.85 16.44 -3.18
C ARG C 127 -25.97 17.08 -2.31
N GLN C 128 -26.36 16.44 -1.17
CA GLN C 128 -27.42 16.88 -0.26
C GLN C 128 -28.78 16.96 -1.00
N GLN C 129 -29.01 15.98 -1.90
CA GLN C 129 -30.22 15.90 -2.70
C GLN C 129 -31.19 14.88 -2.12
N THR C 130 -30.78 14.18 -1.04
CA THR C 130 -31.62 13.19 -0.36
C THR C 130 -31.18 13.04 1.08
N ASP C 131 -32.10 12.56 1.94
CA ASP C 131 -31.78 12.32 3.35
C ASP C 131 -31.38 10.86 3.49
N MET C 132 -32.05 10.00 2.71
CA MET C 132 -31.85 8.55 2.63
C MET C 132 -31.78 8.06 1.20
N ALA C 133 -30.91 7.07 0.95
CA ALA C 133 -30.74 6.40 -0.34
C ALA C 133 -30.80 4.92 0.00
N VAL C 134 -31.57 4.17 -0.79
CA VAL C 134 -31.78 2.74 -0.56
C VAL C 134 -31.34 1.94 -1.78
N ASN C 135 -30.53 0.89 -1.55
CA ASN C 135 -30.11 -0.01 -2.63
C ASN C 135 -30.16 -1.43 -2.11
N TRP C 136 -31.33 -2.10 -2.26
CA TRP C 136 -31.45 -3.46 -1.74
C TRP C 136 -30.58 -4.46 -2.48
N ALA C 137 -30.07 -4.11 -3.69
CA ALA C 137 -29.22 -5.00 -4.47
C ALA C 137 -27.77 -4.94 -3.99
N GLY C 138 -27.46 -3.95 -3.15
CA GLY C 138 -26.13 -3.76 -2.58
C GLY C 138 -25.92 -4.46 -1.25
N GLY C 139 -24.85 -4.12 -0.57
CA GLY C 139 -24.53 -4.68 0.75
C GLY C 139 -23.72 -5.96 0.73
N LEU C 140 -22.97 -6.19 -0.37
CA LEU C 140 -22.19 -7.42 -0.54
C LEU C 140 -20.82 -7.27 0.14
N HIS C 141 -20.90 -7.26 1.48
CA HIS C 141 -19.83 -6.97 2.41
C HIS C 141 -18.62 -7.93 2.47
N HIS C 142 -18.71 -9.14 1.91
CA HIS C 142 -17.60 -10.10 2.01
C HIS C 142 -16.54 -9.93 0.95
N ALA C 143 -16.84 -9.26 -0.18
CA ALA C 143 -15.84 -9.14 -1.25
C ALA C 143 -14.57 -8.43 -0.77
N LYS C 144 -13.40 -8.96 -1.18
CA LYS C 144 -12.09 -8.41 -0.81
C LYS C 144 -11.40 -7.75 -1.99
N LYS C 145 -10.24 -7.10 -1.74
CA LYS C 145 -9.57 -6.37 -2.83
C LYS C 145 -9.35 -7.20 -4.06
N SER C 146 -8.83 -8.42 -3.85
CA SER C 146 -8.52 -9.31 -4.97
C SER C 146 -9.07 -10.72 -4.73
N GLU C 147 -10.28 -10.81 -4.17
CA GLU C 147 -10.84 -12.13 -3.91
C GLU C 147 -12.33 -12.03 -3.76
N ALA C 148 -13.07 -12.97 -4.36
CA ALA C 148 -14.53 -13.07 -4.17
C ALA C 148 -14.68 -13.88 -2.85
N SER C 149 -15.77 -13.64 -2.11
CA SER C 149 -15.99 -14.36 -0.87
C SER C 149 -17.46 -14.31 -0.49
N GLY C 150 -17.96 -15.39 0.08
CA GLY C 150 -19.32 -15.44 0.60
C GLY C 150 -20.43 -14.86 -0.25
N PHE C 151 -20.44 -15.29 -1.51
CA PHE C 151 -21.40 -14.93 -2.54
C PHE C 151 -21.25 -13.51 -3.05
N CYS C 152 -20.18 -12.78 -2.61
CA CYS C 152 -19.91 -11.38 -2.97
C CYS C 152 -18.68 -11.34 -3.86
N TYR C 153 -18.74 -10.49 -4.91
CA TYR C 153 -17.61 -10.40 -5.83
C TYR C 153 -17.01 -9.01 -5.83
N VAL C 154 -17.86 -7.97 -5.82
CA VAL C 154 -17.44 -6.56 -5.81
C VAL C 154 -18.01 -5.93 -4.55
N ASN C 155 -17.13 -5.30 -3.78
CA ASN C 155 -17.57 -4.68 -2.53
C ASN C 155 -18.19 -3.31 -2.77
N ASP C 156 -19.50 -3.30 -3.08
CA ASP C 156 -20.23 -2.05 -3.33
C ASP C 156 -20.22 -1.10 -2.12
N ILE C 157 -20.13 -1.68 -0.90
CA ILE C 157 -20.14 -0.88 0.32
C ILE C 157 -18.86 -0.09 0.41
N VAL C 158 -17.72 -0.74 0.22
CA VAL C 158 -16.42 -0.05 0.27
C VAL C 158 -16.39 1.06 -0.78
N LEU C 159 -16.85 0.77 -2.00
CA LEU C 159 -16.88 1.79 -3.07
C LEU C 159 -17.81 2.94 -2.72
N ALA C 160 -18.98 2.65 -2.09
CA ALA C 160 -19.88 3.73 -1.72
C ALA C 160 -19.26 4.57 -0.59
N ILE C 161 -18.54 3.91 0.34
CA ILE C 161 -17.91 4.64 1.46
C ILE C 161 -16.78 5.54 0.94
N LEU C 162 -15.95 5.05 -0.02
CA LEU C 162 -14.89 5.88 -0.59
C LEU C 162 -15.52 7.15 -1.20
N GLU C 163 -16.71 7.00 -1.83
CA GLU C 163 -17.41 8.15 -2.40
C GLU C 163 -17.88 9.10 -1.29
N LEU C 164 -18.45 8.57 -0.18
CA LEU C 164 -18.92 9.42 0.93
C LEU C 164 -17.79 10.19 1.58
N LEU C 165 -16.58 9.59 1.66
CA LEU C 165 -15.40 10.21 2.26
C LEU C 165 -14.93 11.46 1.54
N LYS C 166 -15.41 11.69 0.31
CA LYS C 166 -15.04 12.91 -0.41
C LYS C 166 -15.73 14.12 0.22
N TYR C 167 -16.92 13.92 0.86
CA TYR C 167 -17.70 15.02 1.43
C TYR C 167 -17.92 14.89 2.94
N HIS C 168 -17.52 13.75 3.55
CA HIS C 168 -17.71 13.47 4.96
C HIS C 168 -16.43 13.08 5.62
N GLN C 169 -16.03 13.78 6.69
CA GLN C 169 -14.78 13.47 7.42
C GLN C 169 -14.83 12.11 8.11
N ARG C 170 -16.00 11.79 8.72
CA ARG C 170 -16.21 10.55 9.44
C ARG C 170 -17.46 9.86 8.94
N VAL C 171 -17.33 8.58 8.59
CA VAL C 171 -18.46 7.77 8.12
C VAL C 171 -18.61 6.56 9.07
N LEU C 172 -19.83 6.28 9.52
CA LEU C 172 -20.12 5.14 10.38
C LEU C 172 -20.77 4.06 9.54
N TYR C 173 -20.24 2.83 9.61
CA TYR C 173 -20.76 1.68 8.90
C TYR C 173 -21.33 0.73 9.97
N ILE C 174 -22.62 0.35 9.85
CA ILE C 174 -23.27 -0.56 10.79
C ILE C 174 -23.76 -1.76 9.97
N ASP C 175 -23.48 -2.95 10.46
CA ASP C 175 -23.78 -4.19 9.74
C ASP C 175 -24.57 -5.15 10.62
N ILE C 176 -25.87 -5.37 10.28
CA ILE C 176 -26.75 -6.26 11.05
C ILE C 176 -27.00 -7.60 10.34
N ASP C 177 -26.20 -7.89 9.29
CA ASP C 177 -26.24 -9.18 8.61
C ASP C 177 -25.81 -10.21 9.67
N ILE C 178 -26.21 -11.48 9.54
CA ILE C 178 -25.76 -12.47 10.54
C ILE C 178 -24.25 -12.79 10.42
N HIS C 179 -23.65 -12.49 9.24
CA HIS C 179 -22.24 -12.77 9.02
C HIS C 179 -21.41 -11.53 9.27
N HIS C 180 -20.19 -11.73 9.82
CA HIS C 180 -19.27 -10.63 10.09
C HIS C 180 -19.00 -9.83 8.78
N GLY C 181 -19.07 -8.51 8.85
CA GLY C 181 -18.81 -7.63 7.71
C GLY C 181 -17.31 -7.50 7.50
N ASP C 182 -16.64 -8.64 7.21
CA ASP C 182 -15.18 -8.70 7.08
C ASP C 182 -14.58 -7.85 5.96
N GLY C 183 -15.16 -7.88 4.77
CA GLY C 183 -14.57 -7.10 3.67
C GLY C 183 -14.53 -5.61 3.93
N VAL C 184 -15.58 -5.07 4.55
CA VAL C 184 -15.67 -3.64 4.87
C VAL C 184 -14.73 -3.33 6.05
N GLU C 185 -14.76 -4.20 7.08
CA GLU C 185 -13.88 -3.98 8.21
C GLU C 185 -12.42 -3.93 7.75
N GLU C 186 -12.03 -4.89 6.90
CA GLU C 186 -10.63 -4.97 6.41
C GLU C 186 -10.26 -3.73 5.59
N ALA C 187 -11.15 -3.27 4.69
CA ALA C 187 -10.80 -2.09 3.86
C ALA C 187 -10.43 -0.85 4.72
N PHE C 188 -11.16 -0.64 5.84
CA PHE C 188 -10.95 0.53 6.70
C PHE C 188 -10.28 0.24 8.06
N TYR C 189 -9.67 -0.95 8.21
CA TYR C 189 -9.10 -1.37 9.49
C TYR C 189 -8.08 -0.43 10.09
N THR C 190 -7.32 0.29 9.22
CA THR C 190 -6.25 1.16 9.73
C THR C 190 -6.57 2.64 9.64
N THR C 191 -7.86 2.99 9.42
CA THR C 191 -8.28 4.37 9.40
C THR C 191 -9.32 4.70 10.48
N ASP C 192 -9.29 5.97 10.92
CA ASP C 192 -10.25 6.48 11.90
C ASP C 192 -11.33 7.26 11.15
N ARG C 193 -11.23 7.36 9.80
CA ARG C 193 -12.23 8.08 9.01
C ARG C 193 -13.47 7.24 8.76
N VAL C 194 -13.42 5.96 9.12
CA VAL C 194 -14.60 5.10 9.02
C VAL C 194 -14.62 4.25 10.28
N MET C 195 -15.77 4.20 10.97
CA MET C 195 -15.90 3.29 12.11
C MET C 195 -16.78 2.15 11.60
N THR C 196 -16.37 0.90 11.79
CA THR C 196 -17.18 -0.23 11.33
C THR C 196 -17.73 -0.92 12.57
N VAL C 197 -19.04 -1.22 12.59
CA VAL C 197 -19.67 -1.87 13.74
C VAL C 197 -20.44 -3.07 13.20
N SER C 198 -20.05 -4.26 13.62
CA SER C 198 -20.71 -5.48 13.14
C SER C 198 -21.25 -6.31 14.30
N PHE C 199 -22.53 -6.76 14.17
CA PHE C 199 -23.20 -7.65 15.13
C PHE C 199 -23.38 -8.92 14.32
N HIS C 200 -22.86 -10.06 14.82
CA HIS C 200 -22.91 -11.27 13.99
C HIS C 200 -22.71 -12.51 14.77
N LYS C 201 -23.09 -13.64 14.18
CA LYS C 201 -22.85 -14.94 14.77
C LYS C 201 -21.34 -15.20 14.70
N TYR C 202 -20.77 -15.63 15.81
CA TYR C 202 -19.35 -15.93 15.88
C TYR C 202 -19.12 -17.27 16.54
N GLY C 203 -18.24 -18.08 15.94
CA GLY C 203 -17.90 -19.42 16.41
C GLY C 203 -18.44 -20.49 15.48
N GLU C 204 -17.52 -21.25 14.83
CA GLU C 204 -17.80 -22.34 13.86
C GLU C 204 -18.83 -21.83 12.85
N TYR C 205 -18.52 -20.66 12.26
CA TYR C 205 -19.43 -20.00 11.34
C TYR C 205 -18.66 -19.09 10.41
N PHE C 206 -19.08 -19.01 9.16
CA PHE C 206 -18.43 -18.16 8.18
C PHE C 206 -18.55 -16.68 8.57
N PRO C 207 -17.53 -15.84 8.29
CA PRO C 207 -16.22 -16.12 7.69
C PRO C 207 -15.11 -16.46 8.67
N GLY C 208 -15.47 -16.68 9.94
CA GLY C 208 -14.47 -17.06 10.95
C GLY C 208 -13.80 -15.90 11.65
N THR C 209 -14.14 -14.64 11.26
CA THR C 209 -13.56 -13.41 11.85
C THR C 209 -14.57 -12.58 12.67
N GLY C 210 -14.13 -11.44 13.19
CA GLY C 210 -14.99 -10.57 13.96
C GLY C 210 -15.03 -10.96 15.43
N ASP C 211 -13.84 -11.27 15.97
CA ASP C 211 -13.71 -11.61 17.38
C ASP C 211 -13.84 -10.32 18.19
N LEU C 212 -14.23 -10.46 19.48
CA LEU C 212 -14.33 -9.30 20.36
C LEU C 212 -13.01 -8.46 20.38
N ARG C 213 -11.85 -9.13 20.25
CA ARG C 213 -10.51 -8.53 20.32
C ARG C 213 -10.10 -7.76 19.06
N ASP C 214 -10.87 -7.90 17.96
CA ASP C 214 -10.58 -7.23 16.68
C ASP C 214 -11.14 -5.82 16.75
N ILE C 215 -10.27 -4.87 17.12
CA ILE C 215 -10.67 -3.48 17.31
C ILE C 215 -9.99 -2.47 16.38
N GLY C 216 -9.24 -2.95 15.38
CA GLY C 216 -8.56 -2.02 14.48
C GLY C 216 -7.07 -1.93 14.74
N ALA C 217 -6.34 -1.26 13.83
CA ALA C 217 -4.87 -1.13 13.99
C ALA C 217 -4.43 0.25 13.53
N GLY C 218 -3.21 0.65 13.95
CA GLY C 218 -2.69 1.98 13.61
C GLY C 218 -3.66 3.04 14.06
N LYS C 219 -3.89 4.06 13.21
CA LYS C 219 -4.85 5.15 13.54
C LYS C 219 -6.28 4.60 13.71
N GLY C 220 -6.53 3.42 13.15
CA GLY C 220 -7.85 2.78 13.23
C GLY C 220 -8.07 2.02 14.53
N LYS C 221 -7.08 1.99 15.45
CA LYS C 221 -7.28 1.27 16.73
C LYS C 221 -8.46 1.91 17.46
N TYR C 222 -9.45 1.07 17.83
CA TYR C 222 -10.72 1.43 18.51
C TYR C 222 -11.81 1.87 17.53
N TYR C 223 -11.52 1.82 16.21
CA TYR C 223 -12.50 2.23 15.22
C TYR C 223 -13.14 1.05 14.49
N ALA C 224 -12.90 -0.18 14.98
CA ALA C 224 -13.55 -1.38 14.46
C ALA C 224 -14.22 -1.98 15.71
N VAL C 225 -15.52 -2.26 15.62
CA VAL C 225 -16.31 -2.75 16.76
C VAL C 225 -16.97 -4.06 16.33
N ASN C 226 -16.83 -5.11 17.13
CA ASN C 226 -17.42 -6.42 16.82
C ASN C 226 -18.17 -6.92 18.01
N PHE C 227 -19.44 -7.32 17.78
CA PHE C 227 -20.27 -7.90 18.83
C PHE C 227 -20.53 -9.35 18.41
N PRO C 228 -19.68 -10.29 18.91
CA PRO C 228 -19.85 -11.71 18.56
C PRO C 228 -21.03 -12.30 19.33
N MET C 229 -21.89 -13.03 18.61
CA MET C 229 -23.09 -13.62 19.21
C MET C 229 -23.16 -15.11 19.00
N ARG C 230 -23.98 -15.78 19.84
CA ARG C 230 -24.25 -17.22 19.76
C ARG C 230 -25.62 -17.40 19.07
N ASP C 231 -26.00 -18.65 18.77
CA ASP C 231 -27.29 -18.93 18.11
C ASP C 231 -28.49 -18.41 18.91
N GLY C 232 -29.59 -18.24 18.19
CA GLY C 232 -30.89 -17.90 18.75
C GLY C 232 -31.17 -16.57 19.37
N ILE C 233 -30.32 -15.55 19.11
CA ILE C 233 -30.64 -14.23 19.68
C ILE C 233 -32.03 -13.78 19.25
N ASP C 234 -32.81 -13.16 20.15
CA ASP C 234 -34.19 -12.70 19.90
C ASP C 234 -34.30 -11.18 19.89
N ASP C 235 -35.51 -10.65 19.57
CA ASP C 235 -35.75 -9.22 19.53
C ASP C 235 -35.38 -8.47 20.78
N GLU C 236 -35.80 -8.99 21.96
CA GLU C 236 -35.51 -8.29 23.22
C GLU C 236 -34.00 -8.23 23.50
N SER C 237 -33.27 -9.37 23.36
CA SER C 237 -31.82 -9.42 23.63
C SER C 237 -31.04 -8.53 22.65
N TYR C 238 -31.38 -8.60 21.36
CA TYR C 238 -30.70 -7.82 20.31
C TYR C 238 -30.95 -6.31 20.53
N GLY C 239 -32.20 -5.95 20.74
CA GLY C 239 -32.61 -4.56 20.95
C GLY C 239 -31.99 -3.88 22.15
N GLN C 240 -31.76 -4.65 23.23
CA GLN C 240 -31.16 -4.13 24.46
C GLN C 240 -29.66 -3.92 24.31
N ILE C 241 -29.09 -4.44 23.22
CA ILE C 241 -27.67 -4.30 22.94
C ILE C 241 -27.43 -3.28 21.84
N PHE C 242 -28.25 -3.31 20.78
CA PHE C 242 -28.10 -2.44 19.64
C PHE C 242 -28.21 -0.96 19.97
N LYS C 243 -29.34 -0.53 20.57
CA LYS C 243 -29.53 0.89 20.90
C LYS C 243 -28.41 1.47 21.83
N PRO C 244 -28.06 0.86 22.99
CA PRO C 244 -26.99 1.47 23.83
C PRO C 244 -25.64 1.52 23.12
N ILE C 245 -25.27 0.45 22.36
CA ILE C 245 -23.99 0.43 21.64
C ILE C 245 -23.95 1.54 20.57
N ILE C 246 -24.98 1.60 19.72
CA ILE C 246 -25.04 2.62 18.66
C ILE C 246 -25.10 4.02 19.25
N SER C 247 -25.88 4.21 20.35
CA SER C 247 -25.95 5.52 20.99
C SER C 247 -24.58 5.98 21.47
N LYS C 248 -23.77 5.07 22.07
CA LYS C 248 -22.42 5.38 22.56
C LYS C 248 -21.50 5.65 21.37
N VAL C 249 -21.64 4.85 20.28
CA VAL C 249 -20.82 5.06 19.08
C VAL C 249 -21.12 6.47 18.53
N MET C 250 -22.40 6.84 18.42
CA MET C 250 -22.82 8.15 17.90
C MET C 250 -22.23 9.28 18.73
N GLU C 251 -22.31 9.13 20.06
CA GLU C 251 -21.80 10.11 21.03
C GLU C 251 -20.29 10.34 20.88
N MET C 252 -19.51 9.26 20.89
CA MET C 252 -18.06 9.25 20.82
C MET C 252 -17.48 9.57 19.46
N TYR C 253 -18.07 9.00 18.40
CA TYR C 253 -17.54 9.17 17.04
C TYR C 253 -18.08 10.35 16.25
N GLN C 254 -19.33 10.78 16.52
CA GLN C 254 -19.96 11.92 15.84
C GLN C 254 -19.81 11.84 14.29
N PRO C 255 -20.29 10.75 13.65
CA PRO C 255 -20.17 10.64 12.18
C PRO C 255 -21.03 11.67 11.45
N SER C 256 -20.67 11.99 10.20
CA SER C 256 -21.51 12.93 9.44
C SER C 256 -22.35 12.20 8.41
N ALA C 257 -22.11 10.87 8.22
CA ALA C 257 -22.92 10.02 7.32
C ALA C 257 -22.91 8.60 7.88
N VAL C 258 -23.97 7.82 7.57
CA VAL C 258 -24.09 6.45 8.06
C VAL C 258 -24.44 5.53 6.90
N VAL C 259 -23.83 4.32 6.90
CA VAL C 259 -24.14 3.28 5.92
C VAL C 259 -24.62 2.11 6.76
N LEU C 260 -25.85 1.66 6.50
CA LEU C 260 -26.44 0.55 7.24
C LEU C 260 -26.68 -0.62 6.31
N GLN C 261 -25.97 -1.73 6.55
CA GLN C 261 -26.12 -2.96 5.78
C GLN C 261 -27.22 -3.73 6.54
N CYS C 262 -28.36 -3.98 5.85
CA CYS C 262 -29.56 -4.61 6.43
C CYS C 262 -29.75 -6.07 6.08
N GLY C 263 -28.66 -6.84 6.06
CA GLY C 263 -28.72 -8.27 5.72
C GLY C 263 -29.82 -8.97 6.51
N ALA C 264 -30.75 -9.61 5.79
CA ALA C 264 -31.93 -10.26 6.37
C ALA C 264 -31.74 -11.71 6.81
N ASP C 265 -30.50 -12.21 6.76
CA ASP C 265 -30.20 -13.56 7.18
C ASP C 265 -30.11 -13.67 8.72
N SER C 266 -30.31 -12.52 9.42
CA SER C 266 -30.33 -12.49 10.90
C SER C 266 -31.79 -12.70 11.36
N LEU C 267 -32.71 -12.93 10.40
CA LEU C 267 -34.14 -13.19 10.75
C LEU C 267 -34.35 -14.65 11.11
N SER C 268 -35.37 -14.88 11.96
CA SER C 268 -35.81 -16.21 12.35
C SER C 268 -36.24 -16.92 11.04
N GLY C 269 -35.90 -18.19 10.93
CA GLY C 269 -36.29 -19.01 9.79
C GLY C 269 -35.44 -18.86 8.54
N ASP C 270 -34.30 -18.14 8.63
CA ASP C 270 -33.43 -18.00 7.46
C ASP C 270 -32.79 -19.36 7.13
N ARG C 271 -32.71 -19.72 5.82
CA ARG C 271 -32.12 -21.00 5.37
C ARG C 271 -30.68 -21.24 5.89
N LEU C 272 -29.89 -20.15 5.97
CA LEU C 272 -28.50 -20.22 6.40
C LEU C 272 -28.23 -19.67 7.78
N GLY C 273 -29.05 -18.73 8.22
CA GLY C 273 -28.91 -18.08 9.53
C GLY C 273 -29.38 -18.92 10.71
N CYS C 274 -28.93 -18.55 11.92
CA CYS C 274 -29.24 -19.25 13.18
C CYS C 274 -29.70 -18.25 14.28
N PHE C 275 -30.22 -17.08 13.85
CA PHE C 275 -30.75 -16.04 14.73
C PHE C 275 -32.29 -16.15 14.78
N ASN C 276 -32.92 -15.42 15.72
CA ASN C 276 -34.36 -15.51 15.93
C ASN C 276 -35.06 -14.15 15.94
N LEU C 277 -34.60 -13.21 15.11
CA LEU C 277 -35.23 -11.90 15.05
C LEU C 277 -36.48 -11.94 14.18
N THR C 278 -37.43 -11.05 14.47
CA THR C 278 -38.63 -10.90 13.65
C THR C 278 -38.32 -9.70 12.75
N VAL C 279 -39.20 -9.42 11.76
CA VAL C 279 -39.03 -8.26 10.89
C VAL C 279 -39.05 -6.98 11.75
N LYS C 280 -39.91 -6.93 12.78
CA LYS C 280 -39.95 -5.79 13.68
C LYS C 280 -38.64 -5.60 14.48
N GLY C 281 -38.05 -6.69 14.95
CA GLY C 281 -36.81 -6.64 15.72
C GLY C 281 -35.65 -6.18 14.85
N HIS C 282 -35.62 -6.69 13.60
CA HIS C 282 -34.58 -6.32 12.62
C HIS C 282 -34.79 -4.83 12.24
N ALA C 283 -36.05 -4.42 11.93
CA ALA C 283 -36.36 -3.04 11.52
C ALA C 283 -36.16 -1.99 12.63
N LYS C 284 -36.14 -2.43 13.91
CA LYS C 284 -35.91 -1.52 15.04
C LYS C 284 -34.53 -0.88 14.86
N CYS C 285 -33.57 -1.64 14.28
CA CYS C 285 -32.22 -1.12 14.00
C CYS C 285 -32.28 0.09 13.08
N VAL C 286 -33.13 0.03 12.02
CA VAL C 286 -33.30 1.15 11.10
C VAL C 286 -33.88 2.36 11.85
N GLU C 287 -34.90 2.13 12.70
CA GLU C 287 -35.57 3.17 13.49
C GLU C 287 -34.57 3.89 14.39
N VAL C 288 -33.74 3.12 15.15
CA VAL C 288 -32.70 3.67 16.05
C VAL C 288 -31.72 4.54 15.26
N VAL C 289 -31.21 4.03 14.13
CA VAL C 289 -30.26 4.80 13.30
C VAL C 289 -30.88 6.12 12.82
N LYS C 290 -32.17 6.07 12.41
CA LYS C 290 -32.89 7.24 11.92
C LYS C 290 -33.03 8.38 12.94
N THR C 291 -33.14 8.06 14.26
CA THR C 291 -33.27 9.06 15.33
C THR C 291 -32.11 10.09 15.34
N PHE C 292 -30.93 9.69 14.85
CA PHE C 292 -29.74 10.55 14.83
C PHE C 292 -29.75 11.61 13.70
N ASN C 293 -30.72 11.54 12.77
CA ASN C 293 -30.91 12.50 11.67
C ASN C 293 -29.64 12.75 10.85
N LEU C 294 -28.97 11.67 10.44
CA LEU C 294 -27.77 11.79 9.61
C LEU C 294 -28.02 11.25 8.20
N PRO C 295 -27.33 11.80 7.17
CA PRO C 295 -27.47 11.24 5.80
C PRO C 295 -27.22 9.73 5.93
N LEU C 296 -28.13 8.93 5.36
CA LEU C 296 -28.13 7.49 5.51
C LEU C 296 -28.28 6.70 4.22
N LEU C 297 -27.37 5.72 4.02
CA LEU C 297 -27.39 4.83 2.87
C LEU C 297 -27.77 3.45 3.42
N MET C 298 -28.96 2.94 3.03
CA MET C 298 -29.45 1.64 3.49
C MET C 298 -29.21 0.63 2.38
N LEU C 299 -28.54 -0.46 2.71
CA LEU C 299 -28.19 -1.48 1.74
C LEU C 299 -28.72 -2.84 2.12
N GLY C 300 -28.80 -3.74 1.14
CA GLY C 300 -29.20 -5.13 1.35
C GLY C 300 -28.07 -5.95 1.96
N GLY C 301 -27.98 -7.21 1.57
CA GLY C 301 -26.97 -8.14 2.05
C GLY C 301 -27.49 -9.54 1.95
N GLY C 302 -27.22 -10.37 2.96
CA GLY C 302 -27.70 -11.74 2.98
C GLY C 302 -29.22 -11.78 3.18
N GLY C 303 -29.75 -13.00 3.20
CA GLY C 303 -31.18 -13.25 3.35
C GLY C 303 -31.49 -14.36 2.38
N TYR C 304 -31.78 -15.57 2.92
CA TYR C 304 -31.90 -16.78 2.13
C TYR C 304 -33.29 -17.45 2.18
N THR C 305 -34.26 -16.92 2.95
CA THR C 305 -35.66 -17.42 2.92
C THR C 305 -36.26 -16.20 2.25
N ILE C 306 -36.32 -16.24 0.91
CA ILE C 306 -36.66 -15.06 0.13
C ILE C 306 -38.02 -14.43 0.44
N ARG C 307 -39.05 -15.20 0.85
CA ARG C 307 -40.33 -14.54 1.17
C ARG C 307 -40.16 -13.61 2.41
N ASN C 308 -39.29 -14.00 3.38
CA ASN C 308 -39.00 -13.22 4.58
C ASN C 308 -38.11 -12.01 4.25
N VAL C 309 -37.22 -12.13 3.26
CA VAL C 309 -36.36 -11.01 2.82
C VAL C 309 -37.28 -9.94 2.22
N ALA C 310 -38.24 -10.36 1.37
CA ALA C 310 -39.19 -9.41 0.77
C ALA C 310 -39.99 -8.68 1.85
N ARG C 311 -40.45 -9.43 2.87
CA ARG C 311 -41.19 -8.83 3.98
C ARG C 311 -40.33 -7.82 4.74
N CYS C 312 -39.09 -8.22 5.08
CA CYS C 312 -38.13 -7.41 5.83
C CYS C 312 -37.77 -6.09 5.16
N TRP C 313 -37.33 -6.17 3.90
CA TRP C 313 -36.89 -4.95 3.22
C TRP C 313 -38.09 -4.04 2.85
N THR C 314 -39.29 -4.64 2.65
CA THR C 314 -40.48 -3.84 2.39
C THR C 314 -40.78 -3.02 3.65
N TYR C 315 -40.77 -3.67 4.83
CA TYR C 315 -41.07 -2.97 6.09
C TYR C 315 -39.99 -1.94 6.40
N GLU C 316 -38.72 -2.28 6.10
CA GLU C 316 -37.63 -1.33 6.33
C GLU C 316 -37.70 -0.09 5.40
N THR C 317 -38.28 -0.25 4.18
CA THR C 317 -38.45 0.88 3.26
C THR C 317 -39.59 1.76 3.86
N ALA C 318 -40.63 1.13 4.45
CA ALA C 318 -41.74 1.86 5.08
C ALA C 318 -41.22 2.64 6.29
N VAL C 319 -40.28 2.02 7.07
CA VAL C 319 -39.62 2.69 8.20
C VAL C 319 -38.87 3.91 7.64
N ALA C 320 -38.07 3.72 6.55
CA ALA C 320 -37.34 4.85 5.94
C ALA C 320 -38.28 6.02 5.59
N LEU C 321 -39.47 5.71 5.05
CA LEU C 321 -40.46 6.72 4.66
C LEU C 321 -41.34 7.22 5.83
N ASP C 322 -41.19 6.65 7.06
CA ASP C 322 -42.00 6.99 8.24
C ASP C 322 -43.50 6.84 7.88
N CYS C 323 -43.79 5.78 7.12
CA CYS C 323 -45.12 5.45 6.61
C CYS C 323 -45.59 4.12 7.19
N GLU C 324 -46.75 4.12 7.87
CA GLU C 324 -47.30 2.89 8.45
C GLU C 324 -47.93 2.07 7.32
N ILE C 325 -47.71 0.74 7.35
CA ILE C 325 -48.27 -0.17 6.36
C ILE C 325 -49.01 -1.32 7.06
N PRO C 326 -50.17 -1.75 6.53
CA PRO C 326 -50.92 -2.83 7.20
C PRO C 326 -50.22 -4.18 7.17
N ASN C 327 -50.54 -5.02 8.17
CA ASN C 327 -49.99 -6.37 8.31
C ASN C 327 -50.53 -7.30 7.20
N GLU C 328 -51.69 -6.94 6.64
CA GLU C 328 -52.35 -7.67 5.56
C GLU C 328 -51.60 -7.33 4.29
N LEU C 329 -50.96 -8.33 3.66
CA LEU C 329 -50.21 -8.06 2.44
C LEU C 329 -51.14 -7.66 1.28
N PRO C 330 -50.77 -6.65 0.46
CA PRO C 330 -51.64 -6.31 -0.67
C PRO C 330 -51.47 -7.38 -1.76
N TYR C 331 -52.34 -7.35 -2.76
CA TYR C 331 -52.19 -8.30 -3.86
C TYR C 331 -50.89 -7.89 -4.58
N ASN C 332 -50.16 -8.88 -5.10
CA ASN C 332 -48.88 -8.64 -5.77
C ASN C 332 -48.55 -9.82 -6.68
N ASP C 333 -47.54 -9.66 -7.58
CA ASP C 333 -47.12 -10.71 -8.51
C ASP C 333 -46.67 -12.03 -7.86
N TYR C 334 -46.34 -12.02 -6.53
CA TYR C 334 -45.84 -13.20 -5.80
C TYR C 334 -46.71 -13.53 -4.60
N PHE C 335 -47.98 -13.08 -4.62
CA PHE C 335 -48.95 -13.27 -3.53
C PHE C 335 -48.95 -14.70 -2.98
N GLU C 336 -49.01 -15.70 -3.88
CA GLU C 336 -49.04 -17.12 -3.52
C GLU C 336 -47.87 -17.55 -2.63
N TYR C 337 -46.68 -16.92 -2.80
CA TYR C 337 -45.45 -17.23 -2.05
C TYR C 337 -45.59 -16.95 -0.53
N PHE C 338 -46.56 -16.11 -0.14
CA PHE C 338 -46.77 -15.68 1.24
C PHE C 338 -47.87 -16.42 1.99
N GLY C 339 -48.38 -17.51 1.42
CA GLY C 339 -49.44 -18.32 2.00
C GLY C 339 -49.04 -19.12 3.22
N PRO C 340 -50.01 -19.64 3.99
CA PRO C 340 -51.46 -19.52 3.81
C PRO C 340 -52.08 -18.30 4.50
N ASP C 341 -51.29 -17.58 5.34
CA ASP C 341 -51.78 -16.42 6.11
C ASP C 341 -51.65 -15.07 5.41
N PHE C 342 -50.69 -14.91 4.45
CA PHE C 342 -50.51 -13.68 3.67
C PHE C 342 -50.33 -12.41 4.52
N LYS C 343 -49.48 -12.52 5.59
CA LYS C 343 -49.18 -11.41 6.49
C LYS C 343 -47.76 -10.92 6.30
N LEU C 344 -47.52 -9.65 6.66
CA LEU C 344 -46.21 -9.01 6.57
C LEU C 344 -45.29 -9.45 7.70
N HIS C 345 -45.81 -9.52 8.93
CA HIS C 345 -44.97 -9.88 10.09
C HIS C 345 -44.96 -11.37 10.42
N ILE C 346 -43.77 -11.87 10.74
CA ILE C 346 -43.50 -13.26 11.09
C ILE C 346 -43.40 -13.43 12.58
N SER C 347 -43.68 -14.64 13.06
CA SER C 347 -43.58 -14.95 14.48
C SER C 347 -42.20 -15.59 14.65
N PRO C 348 -41.50 -15.36 15.79
CA PRO C 348 -40.21 -16.03 15.98
C PRO C 348 -40.42 -17.53 16.21
N SER C 349 -39.35 -18.32 16.15
CA SER C 349 -39.43 -19.76 16.40
C SER C 349 -39.22 -19.96 17.91
N ASN C 350 -39.26 -21.23 18.38
CA ASN C 350 -39.06 -21.59 19.78
C ASN C 350 -37.60 -22.01 20.05
N MET C 351 -36.68 -21.74 19.08
CA MET C 351 -35.26 -22.09 19.25
C MET C 351 -34.69 -21.45 20.53
N THR C 352 -33.76 -22.15 21.17
CA THR C 352 -33.17 -21.65 22.41
C THR C 352 -32.17 -20.51 22.11
N ASN C 353 -32.23 -19.44 22.92
CA ASN C 353 -31.33 -18.30 22.83
C ASN C 353 -30.08 -18.68 23.63
N GLN C 354 -28.98 -18.93 22.93
CA GLN C 354 -27.72 -19.35 23.53
C GLN C 354 -26.90 -18.21 24.12
N ASN C 355 -27.38 -16.97 23.96
CA ASN C 355 -26.70 -15.77 24.49
C ASN C 355 -27.25 -15.55 25.88
N THR C 356 -26.50 -15.96 26.89
CA THR C 356 -26.99 -15.74 28.25
C THR C 356 -26.92 -14.26 28.64
N PRO C 357 -27.75 -13.79 29.60
CA PRO C 357 -27.62 -12.39 30.05
C PRO C 357 -26.19 -12.06 30.52
N GLU C 358 -25.49 -13.02 31.17
CA GLU C 358 -24.12 -12.82 31.63
C GLU C 358 -23.17 -12.58 30.44
N TYR C 359 -23.30 -13.41 29.39
CA TYR C 359 -22.46 -13.31 28.19
C TYR C 359 -22.69 -11.95 27.53
N MET C 360 -23.97 -11.55 27.36
CA MET C 360 -24.28 -10.28 26.71
C MET C 360 -23.74 -9.08 27.47
N GLU C 361 -23.91 -9.07 28.80
CA GLU C 361 -23.43 -7.97 29.62
C GLU C 361 -21.90 -7.86 29.53
N LYS C 362 -21.18 -9.00 29.51
CA LYS C 362 -19.71 -9.04 29.42
C LYS C 362 -19.23 -8.39 28.09
N ILE C 363 -19.90 -8.71 26.98
CA ILE C 363 -19.53 -8.15 25.66
C ILE C 363 -19.86 -6.67 25.64
N LYS C 364 -21.08 -6.28 26.08
CA LYS C 364 -21.49 -4.88 26.10
C LYS C 364 -20.50 -4.06 26.94
N GLN C 365 -20.08 -4.59 28.12
CA GLN C 365 -19.14 -3.83 28.96
C GLN C 365 -17.83 -3.60 28.26
N ARG C 366 -17.30 -4.65 27.61
CA ARG C 366 -16.04 -4.56 26.88
C ARG C 366 -16.12 -3.51 25.78
N LEU C 367 -17.23 -3.50 25.00
CA LEU C 367 -17.36 -2.54 23.90
C LEU C 367 -17.43 -1.13 24.45
N PHE C 368 -18.13 -0.94 25.59
CA PHE C 368 -18.22 0.38 26.20
C PHE C 368 -16.82 0.85 26.63
N GLU C 369 -16.01 -0.07 27.18
CA GLU C 369 -14.63 0.22 27.58
C GLU C 369 -13.80 0.66 26.36
N ASN C 370 -13.95 -0.07 25.23
CA ASN C 370 -13.24 0.28 23.99
C ASN C 370 -13.69 1.62 23.44
N LEU C 371 -15.00 1.91 23.52
CA LEU C 371 -15.55 3.19 23.04
C LEU C 371 -15.07 4.38 23.88
N ARG C 372 -14.78 4.14 25.18
N ARG C 372 -14.77 4.13 25.19
CA ARG C 372 -14.28 5.19 26.08
CA ARG C 372 -14.27 5.15 26.11
C ARG C 372 -12.82 5.58 25.75
C ARG C 372 -12.84 5.58 25.72
N MET C 373 -12.12 4.73 24.96
CA MET C 373 -10.74 4.96 24.50
C MET C 373 -10.64 5.96 23.33
N LEU C 374 -11.77 6.31 22.68
CA LEU C 374 -11.79 7.26 21.56
C LEU C 374 -11.43 8.69 21.99
N PRO C 375 -11.83 9.07 23.21
CA PRO C 375 -11.58 10.39 23.81
C PRO C 375 -10.10 10.58 24.14
ZN ZN D . 21.53 -10.06 9.99
S SO4 E . 45.32 -20.16 -5.45
O1 SO4 E . 44.38 -20.84 -6.33
O2 SO4 E . 44.62 -19.15 -4.66
O3 SO4 E . 46.35 -19.50 -6.26
O4 SO4 E . 45.94 -21.14 -4.55
S SO4 F . 4.22 -5.96 -9.34
O1 SO4 F . 3.10 -5.48 -10.15
O2 SO4 F . 4.13 -5.39 -7.98
O3 SO4 F . 4.15 -7.44 -9.16
O4 SO4 F . 5.47 -5.63 -10.13
S SO4 G . 30.72 -29.99 -6.19
O1 SO4 G . 30.96 -29.04 -7.28
O2 SO4 G . 29.57 -29.54 -5.41
O3 SO4 G . 30.44 -31.32 -6.75
O4 SO4 G . 31.90 -30.06 -5.34
S SO4 H . 26.43 0.63 21.84
O1 SO4 H . 26.50 -0.11 20.58
O2 SO4 H . 25.03 0.86 22.21
O3 SO4 H . 27.09 -0.15 22.89
O4 SO4 H . 27.11 1.92 21.70
CA CA I . 15.18 -12.28 7.56
CA CA J . 11.46 -23.22 -1.57
C ACT K . 23.54 -11.64 9.82
O ACT K . 22.51 -11.83 9.17
OXT ACT K . 23.70 -10.63 10.52
CH3 ACT K . 24.69 -12.71 9.76
C1 PEG L . 39.55 -22.08 20.98
O1 PEG L . 39.69 -22.38 22.37
C2 PEG L . 40.29 -20.82 20.64
O2 PEG L . 40.08 -20.47 19.28
C3 PEG L . 40.77 -19.28 18.90
C4 PEG L . 42.07 -19.64 18.25
O4 PEG L . 43.06 -18.63 18.44
C1 PEG M . 28.66 -0.65 28.57
O1 PEG M . 29.58 -0.93 29.61
C2 PEG M . 27.24 -0.61 29.05
O2 PEG M . 26.36 -0.52 27.94
C3 PEG M . 25.55 0.64 27.94
C4 PEG M . 25.94 1.55 26.81
O4 PEG M . 25.29 2.81 26.90
C1 PEG N . 36.10 -11.64 24.68
O1 PEG N . 36.13 -10.70 25.74
C2 PEG N . 37.20 -11.38 23.69
O2 PEG N . 37.18 -12.35 22.65
C3 PEG N . 38.37 -13.13 22.57
C4 PEG N . 39.20 -12.72 21.40
O4 PEG N . 39.77 -11.43 21.58
C YEV O . 27.34 -5.63 5.29
N YEV O . 28.04 -5.43 4.03
C1 YEV O . 28.08 -4.91 6.38
C2 YEV O . 28.51 -3.70 8.07
C13 YEV O . 30.62 -1.49 10.84
O2 YEV O . 26.86 -3.58 3.48
C18 YEV O . 27.71 -4.43 3.21
C19 YEV O . 28.49 -4.40 1.86
C29 YEV O . 28.87 -2.98 1.46
C20 YEV O . 27.70 -5.13 0.79
C23 YEV O . 26.36 -4.84 0.33
C24 YEV O . 25.43 -3.84 0.62
C25 YEV O . 24.19 -3.84 -0.03
O1 YEV O . 23.32 -2.81 0.19
C26 YEV O . 23.87 -4.86 -0.93
C27 YEV O . 24.78 -5.86 -1.23
C22 YEV O . 26.03 -5.83 -0.61
N4 YEV O . 27.12 -6.67 -0.72
C21 YEV O . 28.13 -6.24 0.11
C28 YEV O . 29.43 -6.97 0.12
C14 YEV O . 27.17 -7.13 5.60
C15 YEV O . 26.09 -7.41 6.62
C16 YEV O . 26.25 -8.81 7.15
C17 YEV O . 25.31 -9.13 8.24
N2 YEV O . 29.41 -5.05 6.63
C3 YEV O . 29.73 -4.28 7.73
N1 YEV O . 27.50 -4.10 7.24
C4 YEV O . 31.05 -4.14 8.36
C8 YEV O . 32.05 -5.00 7.98
C7 YEV O . 33.33 -4.91 8.56
C9 YEV O . 34.39 -5.79 8.23
C10 YEV O . 35.60 -5.69 8.86
C11 YEV O . 35.82 -4.70 9.83
C12 YEV O . 34.82 -3.82 10.16
C6 YEV O . 33.55 -3.90 9.53
N3 YEV O . 32.55 -3.05 9.93
C5 YEV O . 31.38 -3.18 9.36
O YEV O . 30.38 -2.37 9.74
ZN ZN P . 4.03 25.92 -10.12
S SO4 Q . 29.95 40.32 -3.84
O1 SO4 Q . 29.97 40.95 -5.16
O2 SO4 Q . 28.57 39.78 -3.58
O3 SO4 Q . 30.95 39.22 -3.84
O4 SO4 Q . 30.30 41.29 -2.81
S SO4 R . -0.43 15.88 2.47
O1 SO4 R . -0.32 17.26 1.98
O2 SO4 R . -1.65 15.28 1.94
O3 SO4 R . 0.73 15.13 2.02
O4 SO4 R . -0.49 15.88 3.94
S SO4 S . 10.43 37.47 -7.25
O1 SO4 S . 11.00 38.14 -8.41
O2 SO4 S . 8.97 37.57 -7.31
O3 SO4 S . 10.82 36.06 -7.26
O4 SO4 S . 10.92 38.11 -6.03
CA CA T . 0.85 27.83 -16.27
CA CA U . 5.81 35.44 -27.97
C ACT V . 6.63 26.01 -10.02
O ACT V . 6.07 26.62 -10.93
OXT ACT V . 6.04 25.55 -9.06
CH3 ACT V . 8.18 25.87 -10.06
C1 PEG W . -14.26 22.72 2.66
O1 PEG W . -14.73 21.56 3.30
C2 PEG W . -14.75 22.80 1.25
O2 PEG W . -16.17 22.85 1.21
C3 PEG W . -16.69 23.08 -0.08
C4 PEG W . -18.18 23.18 -0.03
O4 PEG W . -18.59 24.33 0.69
C1 PEG X . 24.44 14.01 -5.62
O1 PEG X . 25.55 13.35 -6.18
C2 PEG X . 24.83 15.35 -5.14
O2 PEG X . 23.87 15.84 -4.21
C3 PEG X . 24.39 16.84 -3.33
C4 PEG X . 24.35 16.36 -1.92
O4 PEG X . 25.21 17.12 -1.09
C YEV Y . 5.99 31.52 -3.84
N YEV Y . 6.47 32.79 -3.33
C1 YEV Y . 5.89 30.54 -2.70
C2 YEV Y . 5.25 29.00 -1.39
C13 YEV Y . 5.02 26.80 2.12
O2 YEV Y . 4.40 33.50 -2.77
C18 YEV Y . 5.61 33.71 -2.86
C19 YEV Y . 6.24 35.09 -2.47
C29 YEV Y . 5.60 35.66 -1.21
C20 YEV Y . 6.15 36.03 -3.67
C23 YEV Y . 4.96 36.47 -4.36
C24 YEV Y . 3.59 36.27 -4.19
C25 YEV Y . 2.68 36.83 -5.10
O1 YEV Y . 1.35 36.64 -4.90
C26 YEV Y . 3.13 37.59 -6.18
C27 YEV Y . 4.50 37.81 -6.36
C22 YEV Y . 5.39 37.25 -5.44
N4 YEV Y . 6.77 37.29 -5.40
C21 YEV Y . 7.22 36.55 -4.33
C28 YEV Y . 8.69 36.43 -4.06
C14 YEV Y . 6.92 30.95 -4.90
C15 YEV Y . 6.23 29.82 -5.67
C16 YEV Y . 7.20 29.11 -6.56
C17 YEV Y . 6.55 28.18 -7.43
N2 YEV Y . 6.91 30.33 -1.84
C3 YEV Y . 6.54 29.31 -0.97
N1 YEV Y . 4.86 29.76 -2.46
C4 YEV Y . 7.36 28.75 0.10
C8 YEV Y . 8.71 29.04 0.12
C7 YEV Y . 9.53 28.51 1.12
C9 YEV Y . 10.93 28.76 1.21
C10 YEV Y . 11.68 28.23 2.21
C11 YEV Y . 11.09 27.41 3.17
C12 YEV Y . 9.75 27.14 3.14
C6 YEV Y . 8.93 27.69 2.11
N3 YEV Y . 7.60 27.40 2.10
C5 YEV Y . 6.88 27.91 1.14
O YEV Y . 5.57 27.61 1.07
ZN ZN Z . -24.96 -12.93 5.67
S SO4 AA . -17.96 -17.96 27.86
O1 SO4 AA . -17.55 -16.62 27.42
O2 SO4 AA . -19.41 -17.98 28.08
O3 SO4 AA . -17.60 -18.94 26.82
O4 SO4 AA . -17.26 -18.31 29.09
S SO4 BA . -38.06 -19.54 0.37
O1 SO4 BA . -38.90 -18.33 0.60
O2 SO4 BA . -38.57 -20.22 -0.84
O3 SO4 BA . -38.13 -20.47 1.49
O4 SO4 BA . -36.65 -19.14 0.15
S SO4 CA . -13.65 10.32 -9.43
O1 SO4 CA . -14.33 9.22 -10.13
O2 SO4 CA . -14.57 11.45 -9.29
O3 SO4 CA . -12.48 10.73 -10.20
O4 SO4 CA . -13.24 9.88 -8.08
S SO4 DA . -25.48 2.31 -18.04
O1 SO4 DA . -26.57 3.21 -18.45
O2 SO4 DA . -26.01 1.33 -17.11
O3 SO4 DA . -24.94 1.63 -19.22
O4 SO4 DA . -24.43 3.10 -17.39
S SO4 EA . -9.33 -10.99 26.70
O1 SO4 EA . -9.32 -9.60 26.26
O2 SO4 EA . -10.68 -11.38 27.07
O3 SO4 EA . -8.84 -11.85 25.62
O4 SO4 EA . -8.45 -11.13 27.86
CA CA FA . -11.88 1.66 10.89
CA CA GA . -22.81 -8.33 10.73
C ACT HA . -24.15 -12.52 3.33
O ACT HA . -25.01 -13.35 3.48
OXT ACT HA . -23.52 -12.04 4.27
CH3 ACT HA . -23.82 -12.07 1.86
C1 PEG IA . -11.95 15.41 3.24
O1 PEG IA . -11.53 14.87 4.48
C2 PEG IA . -13.44 15.39 3.09
O2 PEG IA . -14.02 16.09 4.18
C3 PEG IA . -15.04 17.00 3.79
C4 PEG IA . -14.87 18.29 4.54
O4 PEG IA . -15.84 19.24 4.14
C YEV JA . -20.68 -20.03 3.82
N YEV JA . -19.44 -20.76 3.54
C1 YEV JA . -21.86 -20.85 3.42
C2 YEV JA . -23.79 -21.75 3.30
C13 YEV JA . -26.63 -24.61 1.92
O2 YEV JA . -19.54 -21.97 5.43
C18 YEV JA . -18.95 -21.65 4.40
C19 YEV JA . -17.58 -22.27 4.00
C29 YEV JA . -17.49 -23.75 4.38
C20 YEV JA . -16.42 -21.44 4.55
C23 YEV JA . -16.15 -21.12 5.93
C24 YEV JA . -16.73 -21.44 7.15
C25 YEV JA . -16.20 -20.95 8.34
O1 YEV JA . -16.79 -21.28 9.52
C26 YEV JA . -15.08 -20.12 8.31
C27 YEV JA . -14.47 -19.78 7.11
C22 YEV JA . -15.01 -20.29 5.93
N4 YEV JA . -14.61 -20.13 4.62
C21 YEV JA . -15.46 -20.84 3.79
C28 YEV JA . -15.21 -20.85 2.31
C14 YEV JA . -20.71 -18.70 3.08
C15 YEV JA . -21.86 -17.80 3.51
C16 YEV JA . -21.86 -16.52 2.73
C17 YEV JA . -22.94 -15.63 3.11
N2 YEV JA . -21.94 -21.46 2.21
C3 YEV JA . -23.19 -22.03 2.10
N1 YEV JA . -22.96 -21.02 4.14
C4 YEV JA . -23.69 -22.69 0.89
C8 YEV JA . -22.99 -22.49 -0.26
C7 YEV JA . -23.38 -23.11 -1.47
C9 YEV JA . -22.66 -22.97 -2.69
C10 YEV JA . -23.09 -23.62 -3.81
C11 YEV JA . -24.22 -24.42 -3.79
C12 YEV JA . -24.94 -24.59 -2.63
C6 YEV JA . -24.53 -23.93 -1.44
N3 YEV JA . -25.26 -24.12 -0.29
C5 YEV JA . -24.84 -23.54 0.79
O YEV JA . -25.49 -23.75 1.95
#